data_5JK6
#
_entry.id   5JK6
#
_cell.length_a   70.871
_cell.length_b   85.309
_cell.length_c   74.913
_cell.angle_alpha   90.00
_cell.angle_beta   110.04
_cell.angle_gamma   90.00
#
_symmetry.space_group_name_H-M   'P 1 21 1'
#
loop_
_entity.id
_entity.type
_entity.pdbx_description
1 polymer Phenylalanine-4-hydroxylase
2 non-polymer "PIPERAZINE-N,N'-BIS(2-ETHANESULFONIC ACID)"
3 non-polymer 'FE (III) ION'
4 water water
#
_entity_poly.entity_id   1
_entity_poly.type   'polypeptide(L)'
_entity_poly.pdbx_seq_one_letter_code
;MGSSHHHHHHSSGLVPRGSHMASMESNTNSQGQGIIPQSYHSSIFFSISKGSDKIGGLLEYLEIIKKHNINITRIESRPS
KTEKKDYDFFLDLEYPTENNKEVEKVIKDLEEKGVKATTLQESSNQTYAPWFPRKISDLDLFANKVLEMGSDLTSDHPGA
SDPVYRERRREIAKIASTYKHGDEIPRIDYTEEEIKTWGVVYNRLKELFPTNACHQHAYIFPLLEQNCGYSPDNIPQLQD
ISNFLQECTGWRIRPVQGLLSARDFLNGLAFRVFHATQYIRHPSVPLYTPEPDCCHELLGHVPLLADPDFADFSQEIGLA
SIGASDEDIQLLSTCYWFTVEFGLCKEGDTIRAYGAGILSSTGEMEHFLTDKAKKLPFNPFDACNTEYPITTFQPLYYVA
ESFQKAKEQMRQFADSFKKPFSIRYNPYTQSIEILDNK
;
_entity_poly.pdbx_strand_id   A,B
#
# COMPACT_ATOMS: atom_id res chain seq x y z
N GLN A 38 12.96 -26.52 -10.22
CA GLN A 38 12.86 -25.07 -10.39
C GLN A 38 12.24 -24.70 -11.74
N SER A 39 11.87 -23.42 -11.88
CA SER A 39 11.21 -22.93 -13.08
C SER A 39 11.81 -21.61 -13.55
N TYR A 40 11.53 -21.26 -14.80
CA TYR A 40 12.02 -20.02 -15.37
C TYR A 40 10.83 -19.20 -15.80
N HIS A 41 10.80 -17.93 -15.42
CA HIS A 41 9.65 -17.10 -15.77
C HIS A 41 9.89 -16.29 -17.02
N SER A 42 8.86 -16.21 -17.86
CA SER A 42 8.82 -15.27 -18.97
C SER A 42 7.60 -14.37 -18.85
N SER A 43 7.70 -13.15 -19.34
CA SER A 43 6.54 -12.28 -19.42
CA SER A 43 6.56 -12.24 -19.40
C SER A 43 6.50 -11.68 -20.80
N ILE A 44 5.28 -11.55 -21.33
CA ILE A 44 5.09 -10.98 -22.65
C ILE A 44 4.15 -9.80 -22.46
N PHE A 45 4.48 -8.66 -23.03
CA PHE A 45 3.55 -7.56 -22.88
C PHE A 45 3.37 -6.81 -24.20
N PHE A 46 2.22 -6.17 -24.32
CA PHE A 46 1.88 -5.44 -25.52
C PHE A 46 0.73 -4.50 -25.22
N SER A 47 0.44 -3.61 -26.15
CA SER A 47 -0.63 -2.64 -26.00
C SER A 47 -1.56 -2.69 -27.20
N ILE A 48 -2.78 -2.19 -27.04
CA ILE A 48 -3.72 -2.06 -28.13
C ILE A 48 -4.69 -0.91 -27.83
N SER A 49 -5.04 -0.13 -28.86
CA SER A 49 -5.90 1.03 -28.62
C SER A 49 -7.34 0.61 -28.46
N LYS A 50 -8.06 1.22 -27.52
CA LYS A 50 -9.52 1.08 -27.44
C LYS A 50 -10.15 1.25 -28.83
N GLY A 51 -11.07 0.37 -29.18
CA GLY A 51 -11.71 0.48 -30.48
C GLY A 51 -10.98 -0.18 -31.64
N SER A 52 -9.82 -0.79 -31.37
CA SER A 52 -9.15 -1.53 -32.45
C SER A 52 -10.03 -2.70 -32.91
N ASP A 53 -10.15 -2.91 -34.21
CA ASP A 53 -10.95 -4.05 -34.66
C ASP A 53 -10.19 -5.37 -34.43
N LYS A 54 -8.98 -5.29 -33.88
CA LYS A 54 -8.22 -6.49 -33.56
C LYS A 54 -8.49 -7.06 -32.16
N ILE A 55 -9.23 -6.30 -31.34
CA ILE A 55 -9.47 -6.68 -29.94
C ILE A 55 -10.27 -7.98 -29.84
N GLY A 56 -11.37 -8.06 -30.58
CA GLY A 56 -12.20 -9.25 -30.59
C GLY A 56 -11.42 -10.55 -30.82
N GLY A 57 -10.62 -10.59 -31.89
CA GLY A 57 -9.84 -11.77 -32.22
C GLY A 57 -8.73 -12.01 -31.20
N LEU A 58 -8.16 -10.94 -30.68
CA LEU A 58 -7.14 -11.04 -29.65
C LEU A 58 -7.69 -11.76 -28.42
N LEU A 59 -8.86 -11.31 -27.95
CA LEU A 59 -9.45 -11.90 -26.73
C LEU A 59 -9.77 -13.38 -26.93
N GLU A 60 -10.25 -13.73 -28.12
CA GLU A 60 -10.50 -15.12 -28.47
C GLU A 60 -9.22 -15.94 -28.41
N TYR A 61 -8.14 -15.41 -28.99
CA TYR A 61 -6.84 -16.07 -28.93
C TYR A 61 -6.38 -16.26 -27.49
N LEU A 62 -6.55 -15.23 -26.66
CA LEU A 62 -6.09 -15.31 -25.27
C LEU A 62 -6.90 -16.32 -24.45
N GLU A 63 -8.20 -16.43 -24.73
CA GLU A 63 -9.03 -17.41 -24.03
C GLU A 63 -8.57 -18.80 -24.40
N ILE A 64 -8.17 -18.99 -25.65
CA ILE A 64 -7.66 -20.28 -26.07
C ILE A 64 -6.42 -20.65 -25.27
N ILE A 65 -5.40 -19.80 -25.26
CA ILE A 65 -4.17 -20.23 -24.59
C ILE A 65 -4.35 -20.23 -23.06
N LYS A 66 -5.29 -19.44 -22.56
CA LYS A 66 -5.61 -19.45 -21.13
C LYS A 66 -6.01 -20.86 -20.69
N LYS A 67 -6.69 -21.59 -21.56
CA LYS A 67 -7.11 -22.96 -21.28
C LYS A 67 -6.12 -24.02 -21.72
N HIS A 68 -5.42 -23.79 -22.83
CA HIS A 68 -4.74 -24.90 -23.49
C HIS A 68 -3.23 -24.87 -23.41
N ASN A 69 -2.67 -23.71 -23.05
CA ASN A 69 -1.22 -23.57 -22.92
C ASN A 69 -0.76 -23.92 -21.52
N ILE A 70 0.04 -24.96 -21.40
CA ILE A 70 0.36 -25.51 -20.09
C ILE A 70 1.41 -24.71 -19.32
N ASN A 71 1.93 -23.65 -19.91
CA ASN A 71 2.95 -22.85 -19.26
C ASN A 71 2.47 -21.46 -18.87
N ILE A 72 1.28 -21.09 -19.35
CA ILE A 72 0.67 -19.81 -19.02
C ILE A 72 0.21 -19.80 -17.57
N THR A 73 0.60 -18.79 -16.81
CA THR A 73 0.19 -18.75 -15.41
C THR A 73 -0.81 -17.64 -15.15
N ARG A 74 -0.82 -16.65 -16.02
CA ARG A 74 -1.66 -15.47 -15.80
C ARG A 74 -1.79 -14.60 -17.06
N ILE A 75 -2.98 -14.11 -17.30
CA ILE A 75 -3.19 -13.13 -18.36
C ILE A 75 -4.01 -12.00 -17.80
N GLU A 76 -3.51 -10.77 -17.95
CA GLU A 76 -4.16 -9.61 -17.36
C GLU A 76 -4.16 -8.45 -18.33
N SER A 77 -5.19 -7.60 -18.27
CA SER A 77 -5.18 -6.35 -19.02
C SER A 77 -5.49 -5.16 -18.10
N ARG A 78 -4.83 -4.04 -18.37
CA ARG A 78 -4.87 -2.86 -17.54
C ARG A 78 -4.89 -1.59 -18.40
N PRO A 79 -5.37 -0.48 -17.83
CA PRO A 79 -5.22 0.79 -18.53
C PRO A 79 -3.75 1.08 -18.73
N SER A 80 -3.39 1.53 -19.93
CA SER A 80 -2.05 2.01 -20.18
C SER A 80 -1.71 3.15 -19.23
N LYS A 81 -0.45 3.23 -18.82
CA LYS A 81 -0.02 4.31 -17.98
C LYS A 81 0.69 5.39 -18.78
N THR A 82 0.81 5.19 -20.09
CA THR A 82 1.52 6.13 -20.95
C THR A 82 0.63 6.67 -22.06
N GLU A 83 -0.46 5.97 -22.36
CA GLU A 83 -1.38 6.40 -23.42
C GLU A 83 -2.81 6.18 -22.98
N LYS A 84 -3.54 7.28 -22.80
CA LYS A 84 -4.84 7.26 -22.14
C LYS A 84 -5.88 6.42 -22.89
N LYS A 85 -5.67 6.22 -24.18
CA LYS A 85 -6.63 5.45 -24.99
C LYS A 85 -6.20 3.99 -25.21
N ASP A 86 -5.07 3.56 -24.64
CA ASP A 86 -4.57 2.20 -24.90
C ASP A 86 -4.78 1.28 -23.71
N TYR A 87 -4.86 -0.01 -24.00
CA TYR A 87 -4.83 -1.04 -22.98
C TYR A 87 -3.50 -1.76 -23.01
N ASP A 88 -2.99 -2.10 -21.84
CA ASP A 88 -1.80 -2.93 -21.72
C ASP A 88 -2.21 -4.37 -21.42
N PHE A 89 -1.58 -5.32 -22.09
CA PHE A 89 -1.80 -6.73 -21.77
C PHE A 89 -0.53 -7.35 -21.20
N PHE A 90 -0.68 -8.21 -20.21
CA PHE A 90 0.46 -8.86 -19.58
C PHE A 90 0.21 -10.36 -19.56
N LEU A 91 1.13 -11.11 -20.16
CA LEU A 91 1.06 -12.58 -20.17
C LEU A 91 2.22 -13.12 -19.38
N ASP A 92 1.96 -13.89 -18.33
CA ASP A 92 3.05 -14.49 -17.57
C ASP A 92 3.10 -15.99 -17.79
N LEU A 93 4.32 -16.50 -17.97
CA LEU A 93 4.55 -17.91 -18.22
C LEU A 93 5.67 -18.45 -17.34
N GLU A 94 5.62 -19.76 -17.11
CA GLU A 94 6.68 -20.48 -16.43
C GLU A 94 7.04 -21.71 -17.26
N TYR A 95 8.33 -21.94 -17.42
CA TYR A 95 8.85 -23.09 -18.15
C TYR A 95 9.83 -23.88 -17.29
N PRO A 96 9.89 -25.21 -17.49
CA PRO A 96 10.75 -26.05 -16.67
C PRO A 96 12.23 -25.91 -17.01
N THR A 97 12.53 -25.50 -18.24
CA THR A 97 13.91 -25.38 -18.70
C THR A 97 14.23 -23.98 -19.17
N GLU A 98 15.51 -23.64 -19.16
CA GLU A 98 15.97 -22.35 -19.63
C GLU A 98 15.97 -22.27 -21.15
N ASN A 99 15.70 -21.08 -21.69
CA ASN A 99 15.64 -20.85 -23.14
C ASN A 99 14.62 -21.75 -23.82
N ASN A 100 13.49 -21.98 -23.16
CA ASN A 100 12.46 -22.86 -23.71
C ASN A 100 11.85 -22.29 -24.98
N LYS A 101 12.14 -22.95 -26.10
CA LYS A 101 11.72 -22.50 -27.42
C LYS A 101 10.20 -22.39 -27.62
N GLU A 102 9.41 -22.75 -26.60
CA GLU A 102 7.96 -22.64 -26.68
C GLU A 102 7.50 -21.19 -26.72
N VAL A 103 8.16 -20.30 -25.99
CA VAL A 103 7.71 -18.91 -25.91
C VAL A 103 7.74 -18.25 -27.30
N GLU A 104 8.68 -18.64 -28.15
CA GLU A 104 8.74 -18.13 -29.52
C GLU A 104 7.46 -18.45 -30.29
N LYS A 105 6.91 -19.63 -30.02
CA LYS A 105 5.64 -20.03 -30.60
C LYS A 105 4.53 -19.11 -30.14
N VAL A 106 4.54 -18.76 -28.86
CA VAL A 106 3.50 -17.88 -28.33
C VAL A 106 3.62 -16.50 -28.95
N ILE A 107 4.85 -16.00 -29.03
CA ILE A 107 5.12 -14.69 -29.63
C ILE A 107 4.64 -14.65 -31.08
N LYS A 108 4.95 -15.71 -31.81
CA LYS A 108 4.55 -15.81 -33.22
C LYS A 108 3.03 -15.79 -33.37
N ASP A 109 2.33 -16.57 -32.56
CA ASP A 109 0.87 -16.68 -32.64
C ASP A 109 0.24 -15.36 -32.30
N LEU A 110 0.77 -14.77 -31.24
CA LEU A 110 0.25 -13.53 -30.71
C LEU A 110 0.41 -12.40 -31.72
N GLU A 111 1.57 -12.34 -32.38
CA GLU A 111 1.80 -11.27 -33.33
C GLU A 111 1.03 -11.48 -34.64
N GLU A 112 0.58 -12.71 -34.90
CA GLU A 112 -0.37 -12.94 -35.99
C GLU A 112 -1.73 -12.27 -35.72
N LYS A 113 -2.02 -11.94 -34.47
CA LYS A 113 -3.27 -11.26 -34.11
C LYS A 113 -3.13 -9.77 -34.30
N GLY A 114 -1.93 -9.35 -34.74
CA GLY A 114 -1.65 -7.99 -35.10
C GLY A 114 -1.20 -7.07 -33.98
N VAL A 115 -0.51 -7.61 -32.97
CA VAL A 115 0.09 -6.78 -31.91
C VAL A 115 1.58 -7.02 -31.87
N LYS A 116 2.32 -6.06 -31.31
CA LYS A 116 3.77 -6.18 -31.23
C LYS A 116 4.18 -6.51 -29.79
N ALA A 117 4.73 -7.71 -29.61
CA ALA A 117 5.02 -8.17 -28.26
C ALA A 117 6.46 -7.90 -27.86
N THR A 118 6.62 -7.52 -26.59
CA THR A 118 7.94 -7.48 -25.98
C THR A 118 8.01 -8.59 -24.91
N THR A 119 9.10 -9.33 -24.92
CA THR A 119 9.26 -10.48 -24.03
C THR A 119 10.43 -10.31 -23.08
N LEU A 120 10.20 -10.58 -21.80
CA LEU A 120 11.25 -10.60 -20.79
C LEU A 120 11.39 -12.01 -20.26
N GLN A 121 12.60 -12.41 -19.90
CA GLN A 121 12.81 -13.79 -19.53
C GLN A 121 13.91 -13.92 -18.47
N GLU A 122 13.73 -14.87 -17.55
CA GLU A 122 14.82 -15.26 -16.64
C GLU A 122 15.76 -16.18 -17.40
N SER A 123 16.99 -15.73 -17.62
CA SER A 123 17.92 -16.52 -18.40
C SER A 123 19.34 -16.00 -18.28
N SER A 124 20.29 -16.89 -18.55
CA SER A 124 21.69 -16.53 -18.67
C SER A 124 21.97 -16.01 -20.07
N ASN A 125 21.10 -16.38 -21.00
CA ASN A 125 21.18 -15.89 -22.36
C ASN A 125 20.74 -14.43 -22.42
N GLN A 126 21.13 -13.73 -23.49
CA GLN A 126 20.72 -12.34 -23.69
C GLN A 126 19.73 -12.19 -24.86
N THR A 127 18.97 -13.25 -25.17
CA THR A 127 17.98 -13.17 -26.24
C THR A 127 16.90 -12.15 -25.90
N TYR A 128 16.36 -12.23 -24.69
CA TYR A 128 15.41 -11.25 -24.22
C TYR A 128 15.98 -10.52 -23.01
N ALA A 129 15.50 -9.30 -22.78
CA ALA A 129 15.91 -8.53 -21.63
C ALA A 129 15.44 -9.26 -20.37
N PRO A 130 16.15 -9.04 -19.24
CA PRO A 130 15.86 -9.75 -18.00
C PRO A 130 14.46 -9.52 -17.44
N TRP A 131 13.82 -10.61 -17.04
CA TRP A 131 12.55 -10.58 -16.33
C TRP A 131 12.67 -9.87 -14.97
N PHE A 132 11.57 -9.28 -14.52
CA PHE A 132 11.48 -8.77 -13.15
C PHE A 132 10.05 -8.96 -12.67
N PRO A 133 9.87 -9.07 -11.35
CA PRO A 133 8.49 -9.03 -10.80
C PRO A 133 7.85 -7.68 -11.07
N ARG A 134 6.58 -7.69 -11.45
CA ARG A 134 5.88 -6.47 -11.87
C ARG A 134 5.05 -5.88 -10.71
N LYS A 135 4.45 -6.77 -9.94
CA LYS A 135 3.55 -6.43 -8.82
C LYS A 135 4.23 -6.74 -7.51
N ILE A 136 3.90 -6.01 -6.43
CA ILE A 136 4.50 -6.30 -5.12
C ILE A 136 4.18 -7.73 -4.73
N SER A 137 3.00 -8.22 -5.14
CA SER A 137 2.59 -9.58 -4.80
C SER A 137 3.39 -10.63 -5.55
N ASP A 138 4.00 -10.23 -6.67
CA ASP A 138 4.81 -11.18 -7.44
C ASP A 138 6.09 -11.58 -6.72
N LEU A 139 6.38 -10.96 -5.59
CA LEU A 139 7.50 -11.40 -4.76
C LEU A 139 7.26 -12.79 -4.19
N ASP A 140 6.01 -13.24 -4.14
CA ASP A 140 5.70 -14.62 -3.74
C ASP A 140 6.49 -15.67 -4.56
N LEU A 141 6.79 -15.32 -5.81
CA LEU A 141 7.57 -16.21 -6.68
C LEU A 141 8.94 -16.55 -6.13
N PHE A 142 9.49 -15.69 -5.27
CA PHE A 142 10.82 -15.93 -4.72
C PHE A 142 10.81 -16.93 -3.57
N ALA A 143 9.62 -17.24 -3.05
CA ALA A 143 9.46 -17.89 -1.73
C ALA A 143 10.35 -19.12 -1.51
N ASN A 144 10.56 -19.90 -2.56
CA ASN A 144 11.38 -21.10 -2.43
C ASN A 144 12.60 -21.07 -3.32
N LYS A 145 13.32 -19.96 -3.29
CA LYS A 145 14.53 -19.80 -4.07
C LYS A 145 15.67 -19.32 -3.18
N VAL A 146 15.99 -20.08 -2.14
CA VAL A 146 17.05 -19.64 -1.25
C VAL A 146 18.33 -20.44 -1.47
N LEU A 147 19.39 -19.70 -1.75
CA LEU A 147 20.68 -20.24 -2.15
C LEU A 147 21.34 -21.06 -1.03
N GLU A 148 21.35 -20.48 0.17
CA GLU A 148 22.07 -21.06 1.30
C GLU A 148 21.68 -20.36 2.58
N MET A 149 22.24 -20.84 3.70
CA MET A 149 21.95 -20.27 5.02
C MET A 149 20.45 -20.29 5.33
N GLY A 150 19.79 -21.38 4.93
CA GLY A 150 18.43 -21.69 5.34
C GLY A 150 18.48 -22.84 6.33
N SER A 151 17.83 -23.96 6.01
CA SER A 151 17.89 -25.14 6.87
C SER A 151 19.01 -26.09 6.44
N ASP A 152 19.75 -25.70 5.39
CA ASP A 152 20.94 -26.45 4.99
C ASP A 152 22.21 -25.70 5.40
N LEU A 153 22.80 -26.12 6.52
CA LEU A 153 23.97 -25.45 7.08
C LEU A 153 25.29 -26.04 6.58
N THR A 154 26.36 -25.24 6.69
CA THR A 154 27.71 -25.70 6.39
C THR A 154 28.26 -26.54 7.55
N SER A 155 29.18 -27.44 7.25
CA SER A 155 29.68 -28.39 8.24
C SER A 155 30.39 -27.71 9.40
N ASP A 156 30.89 -26.50 9.17
CA ASP A 156 31.57 -25.76 10.22
C ASP A 156 30.61 -24.82 10.99
N HIS A 157 29.31 -24.89 10.66
CA HIS A 157 28.30 -24.12 11.39
C HIS A 157 28.24 -24.64 12.82
N PRO A 158 28.28 -23.73 13.81
CA PRO A 158 28.26 -24.17 15.21
C PRO A 158 27.04 -25.04 15.57
N GLY A 159 25.94 -24.89 14.82
CA GLY A 159 24.73 -25.66 15.08
C GLY A 159 24.47 -26.80 14.10
N ALA A 160 25.43 -27.07 13.22
CA ALA A 160 25.29 -28.09 12.17
C ALA A 160 24.84 -29.48 12.66
N SER A 161 25.38 -29.92 13.80
CA SER A 161 25.02 -31.22 14.37
C SER A 161 24.20 -31.10 15.65
N ASP A 162 23.57 -29.95 15.84
CA ASP A 162 22.64 -29.76 16.95
C ASP A 162 21.25 -30.11 16.44
N PRO A 163 20.72 -31.27 16.88
CA PRO A 163 19.43 -31.78 16.37
C PRO A 163 18.27 -30.84 16.72
N VAL A 164 18.29 -30.24 17.90
CA VAL A 164 17.24 -29.29 18.25
C VAL A 164 17.32 -28.05 17.36
N TYR A 165 18.51 -27.50 17.22
CA TYR A 165 18.73 -26.35 16.34
C TYR A 165 18.36 -26.65 14.88
N ARG A 166 18.78 -27.81 14.37
CA ARG A 166 18.44 -28.17 12.99
C ARG A 166 16.94 -28.29 12.77
N GLU A 167 16.24 -28.88 13.75
CA GLU A 167 14.78 -28.96 13.68
C GLU A 167 14.15 -27.57 13.69
N ARG A 168 14.64 -26.72 14.58
CA ARG A 168 14.18 -25.33 14.69
C ARG A 168 14.34 -24.56 13.37
N ARG A 169 15.51 -24.69 12.74
CA ARG A 169 15.78 -24.00 11.50
C ARG A 169 14.80 -24.48 10.43
N ARG A 170 14.49 -25.77 10.47
CA ARG A 170 13.52 -26.33 9.53
C ARG A 170 12.16 -25.69 9.75
N GLU A 171 11.71 -25.76 11.01
CA GLU A 171 10.45 -25.16 11.42
C GLU A 171 10.36 -23.72 10.95
N ILE A 172 11.36 -22.91 11.27
CA ILE A 172 11.30 -21.48 10.94
C ILE A 172 11.36 -21.24 9.42
N ALA A 173 12.15 -22.03 8.71
CA ALA A 173 12.24 -21.92 7.26
C ALA A 173 10.90 -22.20 6.58
N LYS A 174 10.15 -23.15 7.13
CA LYS A 174 8.86 -23.52 6.55
C LYS A 174 7.93 -22.32 6.51
N ILE A 175 7.99 -21.51 7.56
CA ILE A 175 7.18 -20.30 7.65
C ILE A 175 7.43 -19.33 6.49
N ALA A 176 8.71 -19.10 6.16
CA ALA A 176 9.02 -18.20 5.05
C ALA A 176 8.53 -18.79 3.72
N SER A 177 8.65 -20.11 3.60
CA SER A 177 8.33 -20.79 2.35
C SER A 177 6.84 -20.73 2.05
N THR A 178 6.03 -20.65 3.11
CA THR A 178 4.59 -20.67 2.95
C THR A 178 3.95 -19.29 3.09
N TYR A 179 4.78 -18.27 3.30
CA TYR A 179 4.27 -16.91 3.47
C TYR A 179 3.83 -16.31 2.15
N LYS A 180 2.67 -15.65 2.16
CA LYS A 180 2.14 -15.01 0.95
C LYS A 180 1.87 -13.53 1.17
N HIS A 181 2.11 -12.71 0.14
CA HIS A 181 1.78 -11.29 0.25
C HIS A 181 0.33 -11.10 0.66
N GLY A 182 0.10 -10.24 1.65
CA GLY A 182 -1.22 -10.10 2.22
C GLY A 182 -1.36 -10.75 3.59
N ASP A 183 -0.66 -11.86 3.81
CA ASP A 183 -0.65 -12.52 5.12
C ASP A 183 -0.06 -11.63 6.21
N GLU A 184 -0.47 -11.87 7.45
CA GLU A 184 0.29 -11.40 8.60
C GLU A 184 1.51 -12.31 8.76
N ILE A 185 2.67 -11.73 9.08
CA ILE A 185 3.83 -12.57 9.31
C ILE A 185 3.64 -13.33 10.59
N PRO A 186 3.75 -14.67 10.52
CA PRO A 186 3.61 -15.48 11.74
C PRO A 186 4.58 -15.07 12.81
N ARG A 187 4.09 -15.01 14.04
CA ARG A 187 4.92 -14.73 15.20
C ARG A 187 5.58 -16.00 15.68
N ILE A 188 6.86 -15.89 16.01
CA ILE A 188 7.60 -17.04 16.52
C ILE A 188 7.61 -17.02 18.03
N ASP A 189 7.24 -18.15 18.63
CA ASP A 189 7.36 -18.33 20.06
C ASP A 189 8.81 -18.67 20.40
N TYR A 190 9.65 -17.65 20.55
CA TYR A 190 11.07 -17.89 20.75
C TYR A 190 11.30 -18.53 22.10
N THR A 191 12.30 -19.41 22.17
CA THR A 191 12.63 -20.10 23.42
C THR A 191 13.46 -19.22 24.35
N GLU A 192 13.58 -19.64 25.59
CA GLU A 192 14.39 -18.96 26.60
C GLU A 192 15.86 -18.88 26.16
N GLU A 193 16.39 -19.97 25.63
CA GLU A 193 17.76 -19.94 25.13
C GLU A 193 17.90 -18.96 23.96
N GLU A 194 16.92 -18.91 23.08
CA GLU A 194 16.98 -18.01 21.93
C GLU A 194 16.96 -16.56 22.41
N ILE A 195 16.09 -16.27 23.38
CA ILE A 195 15.95 -14.92 23.91
C ILE A 195 17.25 -14.51 24.60
N LYS A 196 17.92 -15.48 25.23
CA LYS A 196 19.17 -15.23 25.93
C LYS A 196 20.29 -14.83 24.98
N THR A 197 20.34 -15.48 23.82
CA THR A 197 21.34 -15.16 22.82
C THR A 197 21.13 -13.73 22.30
N TRP A 198 19.88 -13.41 22.00
CA TRP A 198 19.52 -12.07 21.57
C TRP A 198 19.99 -11.03 22.57
N GLY A 199 19.73 -11.30 23.85
CA GLY A 199 20.08 -10.39 24.92
C GLY A 199 21.57 -10.11 24.99
N VAL A 200 22.37 -11.15 24.83
CA VAL A 200 23.82 -11.01 24.84
C VAL A 200 24.28 -10.09 23.72
N VAL A 201 23.73 -10.31 22.54
CA VAL A 201 24.06 -9.50 21.38
C VAL A 201 23.55 -8.07 21.59
N TYR A 202 22.29 -7.97 21.96
CA TYR A 202 21.63 -6.68 22.18
C TYR A 202 22.41 -5.81 23.15
N ASN A 203 22.78 -6.38 24.29
CA ASN A 203 23.43 -5.61 25.33
C ASN A 203 24.82 -5.14 24.93
N ARG A 204 25.54 -5.97 24.17
CA ARG A 204 26.88 -5.60 23.72
C ARG A 204 26.81 -4.46 22.73
N LEU A 205 25.92 -4.59 21.75
CA LEU A 205 25.82 -3.60 20.70
C LEU A 205 25.32 -2.26 21.22
N LYS A 206 24.32 -2.30 22.10
CA LYS A 206 23.66 -1.05 22.49
C LYS A 206 24.61 -0.11 23.22
N GLU A 207 25.62 -0.67 23.88
CA GLU A 207 26.63 0.16 24.53
C GLU A 207 27.41 1.00 23.50
N LEU A 208 27.52 0.51 22.27
CA LEU A 208 28.36 1.17 21.27
C LEU A 208 27.60 2.11 20.35
N PHE A 209 26.30 1.90 20.23
CA PHE A 209 25.49 2.72 19.33
C PHE A 209 25.64 4.24 19.52
N PRO A 210 25.56 4.74 20.78
CA PRO A 210 25.55 6.21 20.91
C PRO A 210 26.83 6.88 20.42
N THR A 211 27.95 6.17 20.52
CA THR A 211 29.22 6.74 20.13
C THR A 211 29.65 6.36 18.71
N ASN A 212 29.11 5.27 18.17
CA ASN A 212 29.62 4.76 16.91
C ASN A 212 28.64 4.82 15.74
N ALA A 213 27.35 4.85 16.04
CA ALA A 213 26.33 4.82 14.97
C ALA A 213 25.99 6.21 14.46
N CYS A 214 25.52 6.31 13.23
CA CYS A 214 25.11 7.61 12.69
C CYS A 214 23.85 8.10 13.40
N HIS A 215 23.64 9.40 13.43
CA HIS A 215 22.62 9.98 14.31
C HIS A 215 21.22 9.51 13.98
N GLN A 216 20.97 9.13 12.71
CA GLN A 216 19.65 8.60 12.35
C GLN A 216 19.34 7.35 13.14
N HIS A 217 20.37 6.56 13.42
CA HIS A 217 20.21 5.36 14.24
C HIS A 217 19.78 5.74 15.67
N ALA A 218 20.47 6.71 16.28
CA ALA A 218 20.11 7.17 17.61
C ALA A 218 18.71 7.79 17.63
N TYR A 219 18.32 8.43 16.54
CA TYR A 219 17.00 9.04 16.48
C TYR A 219 15.93 7.94 16.51
N ILE A 220 16.16 6.89 15.73
CA ILE A 220 15.13 5.89 15.45
C ILE A 220 15.00 4.85 16.57
N PHE A 221 16.11 4.57 17.24
CA PHE A 221 16.15 3.44 18.17
C PHE A 221 15.18 3.54 19.35
N PRO A 222 15.01 4.73 19.96
CA PRO A 222 14.00 4.77 21.02
C PRO A 222 12.58 4.45 20.52
N LEU A 223 12.29 4.77 19.27
CA LEU A 223 10.99 4.44 18.70
C LEU A 223 10.83 2.93 18.58
N LEU A 224 11.92 2.22 18.33
CA LEU A 224 11.83 0.78 18.20
C LEU A 224 11.56 0.15 19.57
N GLU A 225 12.15 0.73 20.61
CA GLU A 225 11.89 0.30 21.98
C GLU A 225 10.43 0.54 22.34
N GLN A 226 9.92 1.72 21.97
CA GLN A 226 8.59 2.16 22.36
C GLN A 226 7.48 1.44 21.62
N ASN A 227 7.70 1.15 20.34
CA ASN A 227 6.64 0.66 19.48
C ASN A 227 6.78 -0.79 18.98
N CYS A 228 8.00 -1.31 18.97
CA CYS A 228 8.23 -2.63 18.35
C CYS A 228 8.81 -3.63 19.32
N GLY A 229 8.82 -3.29 20.60
CA GLY A 229 9.26 -4.20 21.62
C GLY A 229 10.75 -4.53 21.64
N TYR A 230 11.58 -3.61 21.14
CA TYR A 230 13.02 -3.78 21.25
C TYR A 230 13.44 -3.67 22.71
N SER A 231 14.12 -4.70 23.19
CA SER A 231 14.61 -4.78 24.55
C SER A 231 15.48 -6.04 24.64
N PRO A 232 16.33 -6.14 25.67
CA PRO A 232 17.15 -7.34 25.84
C PRO A 232 16.36 -8.61 26.20
N ASP A 233 15.12 -8.44 26.66
CA ASP A 233 14.37 -9.55 27.26
C ASP A 233 13.42 -10.20 26.26
N ASN A 234 13.52 -9.80 25.01
CA ASN A 234 12.46 -10.05 24.05
C ASN A 234 12.97 -9.92 22.62
N ILE A 235 12.65 -10.87 21.75
CA ILE A 235 12.95 -10.73 20.33
C ILE A 235 11.74 -10.15 19.62
N PRO A 236 11.92 -9.00 18.95
CA PRO A 236 10.82 -8.34 18.22
C PRO A 236 10.30 -9.21 17.09
N GLN A 237 9.00 -9.12 16.84
CA GLN A 237 8.35 -9.90 15.79
C GLN A 237 8.29 -9.11 14.50
N LEU A 238 8.57 -9.79 13.38
CA LEU A 238 8.63 -9.11 12.10
C LEU A 238 7.35 -8.33 11.78
N GLN A 239 6.19 -8.87 12.17
CA GLN A 239 4.92 -8.20 11.85
C GLN A 239 4.83 -6.81 12.48
N ASP A 240 5.28 -6.69 13.72
CA ASP A 240 5.30 -5.41 14.42
C ASP A 240 6.25 -4.43 13.76
N ILE A 241 7.42 -4.92 13.39
CA ILE A 241 8.41 -4.10 12.73
C ILE A 241 7.89 -3.64 11.36
N SER A 242 7.31 -4.57 10.60
CA SER A 242 6.70 -4.23 9.32
C SER A 242 5.65 -3.12 9.44
N ASN A 243 4.76 -3.22 10.42
CA ASN A 243 3.74 -2.19 10.59
C ASN A 243 4.36 -0.84 10.89
N PHE A 244 5.37 -0.85 11.76
CA PHE A 244 6.02 0.39 12.12
C PHE A 244 6.69 1.02 10.90
N LEU A 245 7.42 0.22 10.12
CA LEU A 245 8.13 0.76 8.96
C LEU A 245 7.18 1.27 7.88
N GLN A 246 6.06 0.57 7.69
CA GLN A 246 5.07 0.98 6.67
C GLN A 246 4.59 2.39 6.95
N GLU A 247 4.34 2.66 8.23
CA GLU A 247 3.81 3.97 8.64
C GLU A 247 4.87 5.06 8.65
N CYS A 248 6.15 4.69 8.74
CA CYS A 248 7.23 5.68 8.73
C CYS A 248 7.67 6.03 7.31
N THR A 249 7.95 5.01 6.52
CA THR A 249 8.53 5.20 5.20
C THR A 249 7.91 4.36 4.10
N GLY A 250 6.91 3.57 4.45
CA GLY A 250 6.24 2.70 3.48
C GLY A 250 7.00 1.41 3.18
N TRP A 251 8.12 1.19 3.88
CA TRP A 251 8.84 -0.08 3.75
C TRP A 251 8.11 -1.18 4.51
N ARG A 252 8.29 -2.41 4.08
CA ARG A 252 7.67 -3.50 4.78
C ARG A 252 8.59 -4.69 4.73
N ILE A 253 8.31 -5.67 5.59
CA ILE A 253 9.14 -6.86 5.67
C ILE A 253 8.42 -8.09 5.16
N ARG A 254 9.15 -8.97 4.46
CA ARG A 254 8.71 -10.34 4.19
C ARG A 254 9.70 -11.28 4.85
N PRO A 255 9.20 -12.35 5.51
CA PRO A 255 10.14 -13.35 6.03
C PRO A 255 10.85 -14.08 4.90
N VAL A 256 12.12 -14.44 5.06
CA VAL A 256 12.81 -15.19 4.01
C VAL A 256 13.55 -16.38 4.62
N GLN A 257 13.63 -17.48 3.87
CA GLN A 257 14.29 -18.69 4.35
C GLN A 257 15.77 -18.50 4.66
N GLY A 258 16.47 -17.85 3.72
CA GLY A 258 17.90 -17.62 3.84
C GLY A 258 18.33 -16.60 2.80
N LEU A 259 19.52 -16.78 2.23
CA LEU A 259 19.99 -15.90 1.15
C LEU A 259 19.19 -16.10 -0.13
N LEU A 260 18.61 -15.01 -0.66
CA LEU A 260 18.10 -15.00 -2.03
C LEU A 260 19.22 -14.69 -3.00
N SER A 261 18.99 -14.89 -4.30
CA SER A 261 19.94 -14.41 -5.29
C SER A 261 19.96 -12.89 -5.20
N ALA A 262 21.06 -12.29 -5.63
CA ALA A 262 21.17 -10.83 -5.58
C ALA A 262 20.06 -10.16 -6.40
N ARG A 263 19.73 -10.70 -7.57
CA ARG A 263 18.70 -10.08 -8.41
C ARG A 263 17.34 -10.04 -7.68
N ASP A 264 16.96 -11.17 -7.10
CA ASP A 264 15.70 -11.27 -6.39
C ASP A 264 15.65 -10.36 -5.16
N PHE A 265 16.68 -10.41 -4.33
CA PHE A 265 16.72 -9.55 -3.16
C PHE A 265 16.66 -8.07 -3.54
N LEU A 266 17.50 -7.67 -4.48
CA LEU A 266 17.52 -6.28 -4.91
C LEU A 266 16.21 -5.86 -5.60
N ASN A 267 15.63 -6.75 -6.42
CA ASN A 267 14.33 -6.44 -7.04
C ASN A 267 13.25 -6.18 -5.98
N GLY A 268 13.33 -6.90 -4.87
CA GLY A 268 12.39 -6.72 -3.78
C GLY A 268 12.51 -5.31 -3.22
N LEU A 269 13.73 -4.80 -3.15
CA LEU A 269 13.94 -3.44 -2.67
C LEU A 269 13.24 -2.37 -3.51
N ALA A 270 12.99 -2.65 -4.78
CA ALA A 270 12.30 -1.70 -5.65
C ALA A 270 10.87 -1.45 -5.18
N PHE A 271 10.32 -2.40 -4.44
CA PHE A 271 8.96 -2.33 -3.92
C PHE A 271 8.92 -1.89 -2.46
N ARG A 272 10.07 -1.42 -1.99
CA ARG A 272 10.29 -1.12 -0.57
C ARG A 272 9.93 -2.32 0.27
N VAL A 273 10.37 -3.49 -0.20
CA VAL A 273 10.19 -4.72 0.55
C VAL A 273 11.56 -5.25 0.99
N PHE A 274 11.75 -5.40 2.29
CA PHE A 274 12.97 -5.98 2.81
C PHE A 274 12.76 -7.45 3.20
N HIS A 275 13.50 -8.38 2.60
CA HIS A 275 13.41 -9.78 2.99
C HIS A 275 14.27 -10.00 4.23
N ALA A 276 13.69 -10.54 5.30
CA ALA A 276 14.40 -10.70 6.57
C ALA A 276 14.19 -12.09 7.17
N THR A 277 15.24 -12.63 7.79
CA THR A 277 15.15 -13.95 8.40
C THR A 277 14.52 -13.86 9.78
N GLN A 278 14.07 -14.99 10.31
CA GLN A 278 13.39 -15.03 11.60
C GLN A 278 14.15 -15.90 12.59
N TYR A 279 15.13 -16.65 12.10
CA TYR A 279 15.86 -17.52 12.99
C TYR A 279 16.93 -16.73 13.71
N ILE A 280 17.49 -17.29 14.78
CA ILE A 280 18.59 -16.65 15.49
C ILE A 280 19.83 -17.54 15.44
N ARG A 281 20.99 -16.92 15.52
CA ARG A 281 22.26 -17.64 15.56
C ARG A 281 22.30 -18.65 16.71
N HIS A 282 23.15 -19.67 16.56
CA HIS A 282 23.33 -20.70 17.58
C HIS A 282 23.87 -20.10 18.89
N PRO A 283 23.39 -20.61 20.05
CA PRO A 283 23.76 -20.02 21.34
C PRO A 283 25.24 -20.12 21.69
N SER A 284 25.97 -21.02 21.05
CA SER A 284 27.37 -21.26 21.44
C SER A 284 28.33 -20.19 20.91
N VAL A 285 27.91 -19.43 19.90
CA VAL A 285 28.79 -18.40 19.34
C VAL A 285 27.99 -17.11 19.14
N PRO A 286 27.59 -16.48 20.24
CA PRO A 286 26.66 -15.33 20.18
C PRO A 286 27.25 -14.08 19.53
N LEU A 287 28.56 -13.92 19.57
CA LEU A 287 29.16 -12.65 19.13
C LEU A 287 29.62 -12.67 17.68
N TYR A 288 29.38 -13.77 16.98
CA TYR A 288 29.68 -13.79 15.55
C TYR A 288 28.90 -14.86 14.79
N THR A 289 28.52 -14.53 13.56
CA THR A 289 27.94 -15.48 12.62
C THR A 289 28.03 -14.88 11.21
N PRO A 290 28.35 -15.74 10.20
CA PRO A 290 28.34 -15.27 8.79
C PRO A 290 26.93 -15.16 8.23
N GLU A 291 25.94 -15.72 8.92
CA GLU A 291 24.56 -15.70 8.47
C GLU A 291 23.82 -14.41 8.82
N PRO A 292 22.86 -13.99 7.97
CA PRO A 292 22.00 -12.87 8.34
C PRO A 292 20.87 -13.28 9.29
N ASP A 293 21.20 -13.62 10.53
CA ASP A 293 20.14 -13.98 11.48
C ASP A 293 19.35 -12.75 11.93
N CYS A 294 18.41 -12.96 12.84
CA CYS A 294 17.47 -11.92 13.21
C CYS A 294 18.16 -10.76 13.93
N CYS A 295 19.25 -11.04 14.66
CA CYS A 295 19.98 -9.97 15.33
C CYS A 295 20.52 -8.99 14.30
N HIS A 296 21.17 -9.53 13.28
CA HIS A 296 21.65 -8.72 12.18
C HIS A 296 20.53 -7.95 11.47
N GLU A 297 19.40 -8.62 11.17
CA GLU A 297 18.30 -7.95 10.47
C GLU A 297 17.67 -6.83 11.29
N LEU A 298 17.44 -7.11 12.57
CA LEU A 298 16.60 -6.23 13.38
C LEU A 298 17.42 -5.11 14.01
N LEU A 299 18.69 -5.38 14.27
CA LEU A 299 19.55 -4.39 14.91
C LEU A 299 20.39 -3.64 13.89
N GLY A 300 20.64 -4.26 12.75
CA GLY A 300 21.48 -3.65 11.74
C GLY A 300 20.67 -3.03 10.62
N HIS A 301 19.75 -3.79 10.03
CA HIS A 301 19.07 -3.35 8.82
C HIS A 301 17.84 -2.47 9.05
N VAL A 302 17.02 -2.87 10.02
CA VAL A 302 15.72 -2.22 10.26
C VAL A 302 15.73 -0.74 10.64
N PRO A 303 16.58 -0.33 11.60
CA PRO A 303 16.43 1.05 12.05
C PRO A 303 16.55 2.12 10.95
N LEU A 304 17.52 1.99 10.05
CA LEU A 304 17.74 3.00 9.03
C LEU A 304 16.58 3.05 8.02
N LEU A 305 15.84 1.96 7.88
CA LEU A 305 14.71 1.94 6.94
C LEU A 305 13.56 2.83 7.42
N ALA A 306 13.59 3.25 8.69
CA ALA A 306 12.56 4.19 9.16
C ALA A 306 12.95 5.66 8.91
N ASP A 307 14.14 5.87 8.33
CA ASP A 307 14.58 7.20 7.90
C ASP A 307 14.22 7.39 6.42
N PRO A 308 13.40 8.42 6.13
CA PRO A 308 12.89 8.67 4.78
C PRO A 308 13.97 8.78 3.69
N ASP A 309 15.06 9.50 3.91
CA ASP A 309 16.11 9.58 2.88
C ASP A 309 16.84 8.24 2.69
N PHE A 310 17.16 7.55 3.78
CA PHE A 310 17.77 6.23 3.62
C PHE A 310 16.81 5.28 2.91
N ALA A 311 15.53 5.35 3.27
CA ALA A 311 14.49 4.54 2.64
C ALA A 311 14.38 4.78 1.13
N ASP A 312 14.48 6.05 0.72
CA ASP A 312 14.47 6.38 -0.70
C ASP A 312 15.73 5.88 -1.38
N PHE A 313 16.86 6.04 -0.70
CA PHE A 313 18.13 5.56 -1.22
C PHE A 313 18.10 4.04 -1.45
N SER A 314 17.59 3.30 -0.47
CA SER A 314 17.51 1.85 -0.58
C SER A 314 16.61 1.44 -1.73
N GLN A 315 15.51 2.16 -1.90
CA GLN A 315 14.61 1.83 -3.01
C GLN A 315 15.28 2.14 -4.33
N GLU A 316 16.07 3.21 -4.37
CA GLU A 316 16.76 3.58 -5.61
C GLU A 316 17.65 2.44 -6.07
N ILE A 317 18.37 1.82 -5.14
CA ILE A 317 19.18 0.65 -5.47
C ILE A 317 18.29 -0.44 -6.05
N GLY A 318 17.16 -0.69 -5.40
CA GLY A 318 16.20 -1.65 -5.91
C GLY A 318 15.75 -1.36 -7.33
N LEU A 319 15.35 -0.12 -7.58
CA LEU A 319 14.87 0.28 -8.90
C LEU A 319 15.97 0.10 -9.97
N ALA A 320 17.20 0.40 -9.60
CA ALA A 320 18.33 0.25 -10.52
C ALA A 320 18.47 -1.21 -10.98
N SER A 321 18.14 -2.14 -10.09
CA SER A 321 18.28 -3.55 -10.39
C SER A 321 17.18 -4.11 -11.30
N ILE A 322 16.06 -3.39 -11.43
CA ILE A 322 14.89 -3.94 -12.15
C ILE A 322 15.22 -4.07 -13.63
N GLY A 323 15.37 -5.30 -14.09
CA GLY A 323 15.65 -5.57 -15.48
C GLY A 323 17.07 -5.24 -15.87
N ALA A 324 17.95 -5.13 -14.87
CA ALA A 324 19.35 -4.83 -15.16
C ALA A 324 20.04 -6.11 -15.61
N SER A 325 21.15 -5.95 -16.36
CA SER A 325 21.90 -7.13 -16.83
C SER A 325 22.54 -7.84 -15.65
N ASP A 326 22.89 -9.11 -15.84
CA ASP A 326 23.61 -9.84 -14.79
C ASP A 326 24.88 -9.12 -14.36
N GLU A 327 25.59 -8.50 -15.30
CA GLU A 327 26.81 -7.75 -14.96
C GLU A 327 26.48 -6.59 -14.02
N ASP A 328 25.43 -5.85 -14.36
CA ASP A 328 25.11 -4.66 -13.58
C ASP A 328 24.56 -5.03 -12.22
N ILE A 329 23.85 -6.15 -12.11
CA ILE A 329 23.41 -6.65 -10.80
C ILE A 329 24.62 -6.84 -9.87
N GLN A 330 25.69 -7.44 -10.40
CA GLN A 330 26.92 -7.61 -9.64
C GLN A 330 27.54 -6.27 -9.21
N LEU A 331 27.51 -5.27 -10.08
CA LEU A 331 27.96 -3.94 -9.69
C LEU A 331 27.08 -3.39 -8.56
N LEU A 332 25.77 -3.61 -8.65
CA LEU A 332 24.84 -3.14 -7.64
C LEU A 332 25.04 -3.86 -6.32
N SER A 333 25.33 -5.16 -6.36
CA SER A 333 25.62 -5.88 -5.12
C SER A 333 26.80 -5.25 -4.40
N THR A 334 27.84 -4.91 -5.17
CA THR A 334 29.03 -4.30 -4.59
C THR A 334 28.68 -2.95 -3.99
N CYS A 335 27.88 -2.15 -4.70
CA CYS A 335 27.44 -0.86 -4.20
C CYS A 335 26.66 -1.03 -2.90
N TYR A 336 25.79 -2.04 -2.87
CA TYR A 336 25.01 -2.38 -1.67
C TYR A 336 25.93 -2.73 -0.48
N TRP A 337 26.92 -3.56 -0.75
CA TRP A 337 27.89 -3.98 0.27
C TRP A 337 28.53 -2.79 0.94
N PHE A 338 28.94 -1.83 0.12
CA PHE A 338 29.72 -0.70 0.60
C PHE A 338 28.85 0.45 1.11
N THR A 339 27.53 0.24 1.11
CA THR A 339 26.63 1.25 1.65
C THR A 339 25.70 0.64 2.71
N VAL A 340 24.65 -0.03 2.26
CA VAL A 340 23.67 -0.62 3.15
C VAL A 340 24.31 -1.57 4.17
N GLU A 341 25.30 -2.34 3.74
CA GLU A 341 25.94 -3.30 4.65
C GLU A 341 27.10 -2.72 5.44
N PHE A 342 28.01 -2.00 4.78
CA PHE A 342 29.21 -1.51 5.49
C PHE A 342 29.53 -0.03 5.28
N GLY A 343 28.49 0.77 5.01
CA GLY A 343 28.64 2.19 4.80
C GLY A 343 28.91 3.02 6.04
N LEU A 344 29.67 4.09 5.85
CA LEU A 344 29.95 5.07 6.89
C LEU A 344 29.38 6.42 6.47
N CYS A 345 29.06 7.23 7.47
CA CYS A 345 28.65 8.61 7.26
C CYS A 345 29.68 9.51 7.95
N LYS A 346 29.81 10.74 7.50
CA LYS A 346 30.65 11.70 8.20
C LYS A 346 29.79 12.73 8.93
N GLU A 347 30.11 12.96 10.20
CA GLU A 347 29.40 13.95 11.00
C GLU A 347 30.44 14.87 11.61
N GLY A 348 30.58 16.07 11.05
CA GLY A 348 31.62 16.99 11.50
C GLY A 348 33.01 16.46 11.17
N ASP A 349 33.86 16.32 12.20
CA ASP A 349 35.17 15.72 12.01
C ASP A 349 35.17 14.23 12.27
N THR A 350 34.00 13.67 12.55
CA THR A 350 33.93 12.28 12.99
C THR A 350 33.34 11.38 11.91
N ILE A 351 33.70 10.12 12.01
CA ILE A 351 33.13 9.09 11.17
C ILE A 351 32.15 8.27 12.02
N ARG A 352 30.98 7.98 11.47
CA ARG A 352 30.02 7.10 12.14
C ARG A 352 29.54 6.01 11.19
N ALA A 353 28.94 4.96 11.76
CA ALA A 353 28.54 3.81 10.96
C ALA A 353 27.02 3.77 10.74
N TYR A 354 26.58 3.50 9.52
CA TYR A 354 25.16 3.23 9.28
C TYR A 354 24.98 1.85 8.68
N GLY A 355 26.07 1.25 8.21
CA GLY A 355 25.97 -0.06 7.59
C GLY A 355 25.51 -1.15 8.55
N ALA A 356 24.56 -1.96 8.10
CA ALA A 356 23.97 -2.99 8.93
C ALA A 356 25.00 -4.02 9.42
N GLY A 357 25.97 -4.34 8.56
CA GLY A 357 27.02 -5.29 8.94
C GLY A 357 27.94 -4.75 10.02
N ILE A 358 27.96 -3.44 10.20
CA ILE A 358 28.78 -2.81 11.22
C ILE A 358 27.97 -2.72 12.51
N LEU A 359 26.76 -2.19 12.38
CA LEU A 359 25.88 -1.96 13.52
C LEU A 359 25.52 -3.23 14.28
N SER A 360 25.57 -4.37 13.59
CA SER A 360 25.25 -5.65 14.23
C SER A 360 26.50 -6.45 14.62
N SER A 361 27.68 -5.85 14.54
CA SER A 361 28.89 -6.57 14.94
C SER A 361 29.81 -5.75 15.84
N THR A 362 30.06 -6.26 17.04
CA THR A 362 30.90 -5.55 17.99
C THR A 362 32.31 -5.40 17.45
N GLY A 363 32.81 -6.44 16.81
CA GLY A 363 34.11 -6.40 16.16
C GLY A 363 34.22 -5.24 15.17
N GLU A 364 33.30 -5.21 14.21
CA GLU A 364 33.30 -4.23 13.13
C GLU A 364 33.13 -2.81 13.67
N MET A 365 32.23 -2.63 14.62
CA MET A 365 32.02 -1.33 15.27
C MET A 365 33.32 -0.82 15.86
N GLU A 366 34.12 -1.74 16.39
CA GLU A 366 35.36 -1.39 17.07
C GLU A 366 36.53 -1.36 16.10
N HIS A 367 36.28 -1.67 14.84
CA HIS A 367 37.34 -1.66 13.84
C HIS A 367 37.34 -0.36 13.02
N PHE A 368 36.16 0.04 12.55
CA PHE A 368 36.10 1.09 11.54
C PHE A 368 36.63 2.44 12.03
N LEU A 369 36.46 2.75 13.31
CA LEU A 369 36.84 4.07 13.79
C LEU A 369 38.37 4.23 13.78
N THR A 370 39.10 3.11 13.80
CA THR A 370 40.55 3.16 13.88
C THR A 370 41.18 3.48 12.54
N ASP A 371 42.47 3.79 12.56
CA ASP A 371 43.22 4.03 11.33
C ASP A 371 43.69 2.73 10.72
N LYS A 372 43.13 1.62 11.19
CA LYS A 372 43.51 0.30 10.68
C LYS A 372 42.82 0.05 9.35
N ALA A 373 41.87 0.91 9.00
CA ALA A 373 41.13 0.73 7.77
C ALA A 373 41.13 2.02 6.96
N LYS A 374 41.10 1.88 5.64
CA LYS A 374 41.05 3.03 4.75
C LYS A 374 39.62 3.54 4.60
N LYS A 375 39.47 4.86 4.46
CA LYS A 375 38.18 5.44 4.11
C LYS A 375 38.26 6.23 2.81
N LEU A 376 37.25 6.09 1.97
CA LEU A 376 37.17 6.87 0.74
C LEU A 376 35.78 7.47 0.64
N PRO A 377 35.65 8.58 -0.12
CA PRO A 377 34.30 9.12 -0.33
C PRO A 377 33.50 8.17 -1.20
N PHE A 378 32.21 7.95 -0.90
CA PHE A 378 31.44 7.02 -1.72
C PHE A 378 31.14 7.59 -3.11
N ASN A 379 31.25 6.73 -4.11
CA ASN A 379 30.97 7.05 -5.50
C ASN A 379 30.74 5.73 -6.21
N PRO A 380 29.49 5.48 -6.66
CA PRO A 380 29.20 4.14 -7.20
C PRO A 380 30.10 3.81 -8.39
N PHE A 381 30.51 4.81 -9.15
CA PHE A 381 31.37 4.55 -10.31
C PHE A 381 32.78 4.13 -9.86
N ASP A 382 33.20 4.58 -8.68
CA ASP A 382 34.48 4.16 -8.09
C ASP A 382 34.35 2.85 -7.31
N ALA A 383 33.32 2.78 -6.47
CA ALA A 383 33.15 1.66 -5.54
C ALA A 383 32.70 0.34 -6.18
N CYS A 384 31.92 0.40 -7.26
CA CYS A 384 31.31 -0.81 -7.84
C CYS A 384 32.30 -1.88 -8.30
N ASN A 385 33.54 -1.47 -8.58
CA ASN A 385 34.56 -2.41 -9.04
C ASN A 385 35.45 -2.94 -7.91
N THR A 386 35.23 -2.45 -6.70
CA THR A 386 36.17 -2.73 -5.61
C THR A 386 35.93 -4.10 -4.97
N GLU A 387 37.03 -4.80 -4.67
CA GLU A 387 36.99 -6.12 -4.04
C GLU A 387 36.85 -5.98 -2.52
N TYR A 388 36.35 -7.03 -1.87
CA TYR A 388 36.11 -6.99 -0.43
C TYR A 388 36.03 -8.39 0.18
N PRO A 389 36.57 -8.55 1.41
CA PRO A 389 36.53 -9.86 2.07
C PRO A 389 35.19 -10.06 2.76
N ILE A 390 34.67 -11.28 2.80
CA ILE A 390 33.39 -11.52 3.48
C ILE A 390 33.58 -12.23 4.82
N THR A 391 34.81 -12.66 5.13
CA THR A 391 35.08 -13.40 6.37
C THR A 391 35.98 -12.64 7.35
N THR A 392 36.23 -11.37 7.10
CA THR A 392 36.99 -10.53 8.03
C THR A 392 36.34 -9.15 8.13
N PHE A 393 36.85 -8.31 9.03
CA PHE A 393 36.47 -6.90 9.03
C PHE A 393 36.84 -6.28 7.67
N GLN A 394 36.16 -5.21 7.28
CA GLN A 394 36.54 -4.50 6.07
C GLN A 394 37.86 -3.72 6.29
N PRO A 395 38.78 -3.80 5.31
CA PRO A 395 40.00 -2.99 5.25
C PRO A 395 39.75 -1.64 4.56
N LEU A 396 38.60 -1.50 3.93
CA LEU A 396 38.25 -0.27 3.24
C LEU A 396 36.77 0.01 3.44
N TYR A 397 36.44 1.24 3.82
CA TYR A 397 35.04 1.64 3.89
C TYR A 397 34.82 2.87 3.01
N TYR A 398 33.58 3.03 2.55
CA TYR A 398 33.17 4.23 1.82
C TYR A 398 32.26 5.11 2.67
N VAL A 399 32.53 6.41 2.64
CA VAL A 399 31.77 7.37 3.42
C VAL A 399 30.79 8.14 2.56
N ALA A 400 29.51 8.02 2.84
CA ALA A 400 28.52 8.78 2.10
C ALA A 400 28.32 10.16 2.74
N GLU A 401 28.10 11.17 1.90
CA GLU A 401 27.88 12.53 2.37
C GLU A 401 26.53 12.64 3.03
N SER A 402 25.55 11.98 2.41
CA SER A 402 24.19 11.98 2.90
C SER A 402 23.42 10.97 2.07
N PHE A 403 22.26 10.57 2.53
CA PHE A 403 21.52 9.55 1.81
C PHE A 403 20.86 10.14 0.57
N GLN A 404 20.57 11.43 0.62
CA GLN A 404 20.01 12.11 -0.55
C GLN A 404 21.02 12.17 -1.69
N LYS A 405 22.27 12.49 -1.38
CA LYS A 405 23.31 12.50 -2.39
C LYS A 405 23.60 11.10 -2.93
N ALA A 406 23.64 10.10 -2.03
CA ALA A 406 23.86 8.71 -2.45
C ALA A 406 22.74 8.24 -3.38
N LYS A 407 21.50 8.62 -3.05
CA LYS A 407 20.36 8.34 -3.92
C LYS A 407 20.58 8.93 -5.32
N GLU A 408 20.92 10.21 -5.37
CA GLU A 408 21.13 10.89 -6.65
C GLU A 408 22.28 10.23 -7.42
N GLN A 409 23.31 9.80 -6.68
CA GLN A 409 24.43 9.12 -7.29
C GLN A 409 24.03 7.76 -7.85
N MET A 410 23.18 7.04 -7.13
CA MET A 410 22.73 5.73 -7.61
C MET A 410 21.84 5.88 -8.84
N ARG A 411 21.13 7.00 -8.93
CA ARG A 411 20.30 7.22 -10.11
C ARG A 411 21.17 7.47 -11.36
N GLN A 412 22.25 8.22 -11.20
CA GLN A 412 23.22 8.41 -12.29
C GLN A 412 23.78 7.07 -12.74
N PHE A 413 24.10 6.24 -11.75
CA PHE A 413 24.63 4.91 -11.98
C PHE A 413 23.63 4.04 -12.74
N ALA A 414 22.39 4.00 -12.26
CA ALA A 414 21.34 3.22 -12.92
C ALA A 414 21.16 3.67 -14.39
N ASP A 415 21.14 4.98 -14.62
CA ASP A 415 21.00 5.53 -15.96
C ASP A 415 22.16 5.17 -16.88
N SER A 416 23.32 4.86 -16.30
CA SER A 416 24.49 4.51 -17.09
C SER A 416 24.44 3.06 -17.59
N PHE A 417 23.54 2.28 -17.01
CA PHE A 417 23.29 0.92 -17.47
C PHE A 417 22.66 0.99 -18.87
N LYS A 418 22.88 -0.04 -19.66
CA LYS A 418 22.10 -0.18 -20.88
C LYS A 418 20.83 -0.94 -20.53
N LYS A 419 19.71 -0.23 -20.48
CA LYS A 419 18.43 -0.88 -20.27
C LYS A 419 17.53 -0.64 -21.46
N PRO A 420 16.78 -1.66 -21.89
CA PRO A 420 15.86 -1.59 -23.03
C PRO A 420 14.72 -0.61 -22.82
N PHE A 421 14.51 -0.20 -21.58
CA PHE A 421 13.43 0.71 -21.23
C PHE A 421 13.71 1.28 -19.85
N SER A 422 12.99 2.34 -19.48
CA SER A 422 13.15 2.87 -18.14
C SER A 422 11.96 2.42 -17.30
N ILE A 423 12.13 2.39 -15.98
CA ILE A 423 11.05 1.97 -15.13
C ILE A 423 10.78 3.00 -14.06
N ARG A 424 9.63 2.86 -13.43
CA ARG A 424 9.08 3.87 -12.55
C ARG A 424 8.23 3.13 -11.54
N TYR A 425 8.37 3.50 -10.26
CA TYR A 425 7.52 2.91 -9.24
C TYR A 425 6.28 3.77 -9.03
N ASN A 426 5.13 3.10 -8.95
CA ASN A 426 3.85 3.72 -8.65
C ASN A 426 3.45 3.20 -7.28
N PRO A 427 3.51 4.09 -6.26
CA PRO A 427 3.18 3.76 -4.87
C PRO A 427 1.68 3.49 -4.67
N TYR A 428 0.84 4.10 -5.51
CA TYR A 428 -0.59 3.83 -5.45
C TYR A 428 -0.92 2.41 -5.86
N THR A 429 -0.33 1.95 -6.97
CA THR A 429 -0.65 0.60 -7.44
C THR A 429 0.37 -0.42 -6.94
N GLN A 430 1.45 0.08 -6.34
CA GLN A 430 2.51 -0.77 -5.81
C GLN A 430 3.09 -1.62 -6.94
N SER A 431 3.41 -0.97 -8.05
CA SER A 431 3.73 -1.68 -9.28
C SER A 431 4.84 -0.97 -10.03
N ILE A 432 5.63 -1.76 -10.74
CA ILE A 432 6.62 -1.19 -11.66
C ILE A 432 5.90 -0.82 -12.95
N GLU A 433 6.10 0.41 -13.42
CA GLU A 433 5.60 0.85 -14.71
C GLU A 433 6.76 0.93 -15.68
N ILE A 434 6.57 0.37 -16.87
CA ILE A 434 7.59 0.39 -17.91
C ILE A 434 7.37 1.57 -18.85
N LEU A 435 8.44 2.32 -19.13
CA LEU A 435 8.41 3.45 -20.05
C LEU A 435 9.34 3.23 -21.23
N ASP A 436 8.93 3.67 -22.41
CA ASP A 436 9.75 3.50 -23.60
C ASP A 436 11.11 4.17 -23.48
N ASN A 437 12.11 3.57 -24.13
CA ASN A 437 13.48 4.08 -24.16
C ASN A 437 14.14 4.11 -22.79
N GLN B 38 -22.26 0.85 21.22
CA GLN B 38 -21.76 2.01 20.49
C GLN B 38 -20.67 2.76 21.27
N SER B 39 -19.66 3.24 20.56
CA SER B 39 -18.48 3.84 21.19
C SER B 39 -18.19 5.25 20.69
N TYR B 40 -17.64 6.08 21.57
CA TYR B 40 -17.19 7.42 21.20
C TYR B 40 -15.68 7.51 21.27
N HIS B 41 -15.05 7.74 20.12
CA HIS B 41 -13.59 7.76 20.05
C HIS B 41 -13.05 9.16 20.29
N SER B 42 -11.95 9.21 21.04
CA SER B 42 -11.16 10.43 21.20
C SER B 42 -9.71 10.14 20.84
N SER B 43 -9.01 11.16 20.38
CA SER B 43 -7.60 11.05 20.05
C SER B 43 -6.86 12.21 20.68
N ILE B 44 -5.71 11.95 21.28
CA ILE B 44 -4.89 13.02 21.84
C ILE B 44 -3.53 13.04 21.15
N PHE B 45 -3.18 14.19 20.60
CA PHE B 45 -1.93 14.36 19.88
C PHE B 45 -1.01 15.26 20.68
N PHE B 46 0.27 14.94 20.66
CA PHE B 46 1.28 15.87 21.16
C PHE B 46 2.64 15.46 20.62
N SER B 47 3.57 16.39 20.73
CA SER B 47 4.88 16.25 20.15
C SER B 47 5.89 16.51 21.24
N ILE B 48 7.06 15.90 21.13
CA ILE B 48 8.13 16.15 22.10
C ILE B 48 9.49 16.02 21.40
N SER B 49 10.45 16.84 21.82
CA SER B 49 11.74 16.88 21.15
C SER B 49 12.67 15.77 21.63
N LYS B 50 13.55 15.31 20.75
CA LYS B 50 14.53 14.32 21.15
C LYS B 50 15.47 14.90 22.19
N GLY B 51 15.72 14.14 23.25
CA GLY B 51 16.62 14.58 24.29
C GLY B 51 15.92 15.49 25.29
N SER B 52 14.60 15.51 25.26
CA SER B 52 13.85 16.25 26.26
C SER B 52 14.07 15.63 27.63
N ASP B 53 13.98 16.47 28.65
CA ASP B 53 14.18 16.04 30.02
C ASP B 53 12.94 15.30 30.54
N LYS B 54 11.81 15.46 29.85
CA LYS B 54 10.54 14.96 30.35
C LYS B 54 10.15 13.60 29.79
N ILE B 55 10.90 13.15 28.78
CA ILE B 55 10.58 11.92 28.04
C ILE B 55 10.46 10.70 28.96
N GLY B 56 11.39 10.57 29.89
CA GLY B 56 11.40 9.43 30.80
C GLY B 56 10.10 9.28 31.58
N GLY B 57 9.71 10.32 32.29
CA GLY B 57 8.46 10.33 33.03
C GLY B 57 7.25 10.24 32.13
N LEU B 58 7.32 10.91 30.97
CA LEU B 58 6.26 10.79 29.97
C LEU B 58 6.02 9.31 29.65
N LEU B 59 7.08 8.61 29.27
CA LEU B 59 6.96 7.22 28.88
C LEU B 59 6.38 6.37 30.01
N GLU B 60 6.80 6.65 31.23
CA GLU B 60 6.35 5.92 32.39
C GLU B 60 4.84 6.09 32.58
N TYR B 61 4.39 7.34 32.49
CA TYR B 61 2.98 7.65 32.61
C TYR B 61 2.18 6.92 31.52
N LEU B 62 2.71 6.91 30.31
CA LEU B 62 2.03 6.26 29.19
C LEU B 62 1.92 4.74 29.40
N GLU B 63 2.93 4.13 30.01
CA GLU B 63 2.90 2.70 30.25
C GLU B 63 1.90 2.32 31.36
N ILE B 64 1.72 3.19 32.34
CA ILE B 64 0.79 2.92 33.44
C ILE B 64 -0.67 2.99 33.01
N ILE B 65 -1.04 4.07 32.31
CA ILE B 65 -2.42 4.22 31.85
C ILE B 65 -2.76 3.15 30.81
N LYS B 66 -1.77 2.78 29.99
CA LYS B 66 -1.92 1.65 29.08
C LYS B 66 -2.33 0.38 29.81
N LYS B 67 -1.68 0.12 30.95
CA LYS B 67 -1.96 -1.06 31.74
C LYS B 67 -3.30 -0.98 32.47
N HIS B 68 -3.58 0.16 33.09
CA HIS B 68 -4.68 0.27 34.04
C HIS B 68 -5.93 1.00 33.55
N ASN B 69 -5.83 1.68 32.41
CA ASN B 69 -7.01 2.32 31.83
C ASN B 69 -7.53 1.47 30.67
N ILE B 70 -8.72 0.89 30.85
CA ILE B 70 -9.30 -0.01 29.86
C ILE B 70 -9.91 0.77 28.69
N ASN B 71 -9.94 2.09 28.81
CA ASN B 71 -10.42 2.96 27.75
C ASN B 71 -9.34 3.42 26.79
N ILE B 72 -8.07 3.27 27.19
CA ILE B 72 -6.95 3.51 26.30
C ILE B 72 -6.79 2.33 25.37
N THR B 73 -7.06 2.51 24.09
CA THR B 73 -7.01 1.39 23.16
C THR B 73 -5.65 1.30 22.45
N ARG B 74 -4.93 2.41 22.39
CA ARG B 74 -3.70 2.46 21.59
C ARG B 74 -2.86 3.68 21.93
N ILE B 75 -1.55 3.46 22.08
CA ILE B 75 -0.60 4.55 22.24
C ILE B 75 0.59 4.23 21.35
N GLU B 76 0.98 5.19 20.51
CA GLU B 76 2.01 4.99 19.50
C GLU B 76 2.83 6.25 19.35
N SER B 77 4.09 6.11 18.96
CA SER B 77 4.93 7.26 18.65
C SER B 77 5.61 7.05 17.29
N ARG B 78 5.85 8.15 16.57
CA ARG B 78 6.37 8.13 15.21
C ARG B 78 7.33 9.30 15.04
N PRO B 79 8.18 9.26 13.99
CA PRO B 79 8.98 10.43 13.62
C PRO B 79 8.10 11.60 13.20
N SER B 80 8.47 12.81 13.58
CA SER B 80 7.69 14.01 13.21
C SER B 80 7.79 14.26 11.71
N LYS B 81 6.73 14.81 11.13
CA LYS B 81 6.68 15.07 9.70
C LYS B 81 7.18 16.48 9.39
N THR B 82 7.38 17.27 10.44
CA THR B 82 7.88 18.62 10.28
C THR B 82 9.29 18.74 10.90
N GLU B 83 9.37 18.72 12.22
CA GLU B 83 10.66 18.82 12.90
C GLU B 83 11.40 17.49 12.87
N LYS B 84 12.48 17.45 12.08
CA LYS B 84 13.31 16.25 11.92
C LYS B 84 13.86 15.71 13.25
N LYS B 85 13.83 16.53 14.30
CA LYS B 85 14.38 16.14 15.60
C LYS B 85 13.30 15.80 16.62
N ASP B 86 12.03 15.79 16.20
CA ASP B 86 10.91 15.60 17.13
C ASP B 86 10.18 14.27 16.97
N TYR B 87 9.53 13.84 18.03
CA TYR B 87 8.67 12.66 18.00
C TYR B 87 7.21 13.06 18.15
N ASP B 88 6.34 12.38 17.41
CA ASP B 88 4.90 12.58 17.52
C ASP B 88 4.27 11.45 18.30
N PHE B 89 3.39 11.80 19.22
CA PHE B 89 2.69 10.81 20.02
C PHE B 89 1.21 10.83 19.72
N PHE B 90 0.58 9.66 19.79
CA PHE B 90 -0.83 9.52 19.47
C PHE B 90 -1.49 8.66 20.54
N LEU B 91 -2.45 9.23 21.26
CA LEU B 91 -3.20 8.51 22.27
C LEU B 91 -4.63 8.32 21.83
N ASP B 92 -5.06 7.06 21.69
CA ASP B 92 -6.43 6.80 21.29
C ASP B 92 -7.25 6.28 22.46
N LEU B 93 -8.42 6.88 22.64
CA LEU B 93 -9.31 6.54 23.75
C LEU B 93 -10.68 6.18 23.22
N GLU B 94 -11.42 5.40 24.02
CA GLU B 94 -12.73 4.91 23.64
C GLU B 94 -13.61 4.91 24.88
N TYR B 95 -14.75 5.57 24.80
CA TYR B 95 -15.68 5.63 25.94
C TYR B 95 -17.10 5.25 25.51
N PRO B 96 -17.88 4.67 26.43
CA PRO B 96 -19.26 4.27 26.16
C PRO B 96 -20.23 5.43 25.95
N THR B 97 -19.96 6.57 26.60
CA THR B 97 -20.85 7.73 26.50
C THR B 97 -20.19 8.91 25.80
N GLU B 98 -21.00 9.92 25.48
CA GLU B 98 -20.52 11.11 24.79
C GLU B 98 -19.97 12.14 25.77
N ASN B 99 -18.89 12.80 25.36
CA ASN B 99 -18.23 13.84 26.16
C ASN B 99 -17.90 13.37 27.56
N ASN B 100 -17.38 12.16 27.63
CA ASN B 100 -16.94 11.54 28.88
C ASN B 100 -15.96 12.43 29.63
N LYS B 101 -16.29 12.74 30.88
CA LYS B 101 -15.48 13.62 31.71
C LYS B 101 -14.09 13.06 31.97
N GLU B 102 -13.91 11.77 31.70
CA GLU B 102 -12.64 11.10 31.94
C GLU B 102 -11.53 11.54 30.98
N VAL B 103 -11.91 12.01 29.79
CA VAL B 103 -10.94 12.50 28.81
C VAL B 103 -10.18 13.68 29.40
N GLU B 104 -10.93 14.61 29.98
CA GLU B 104 -10.34 15.79 30.61
CA GLU B 104 -10.34 15.80 30.60
C GLU B 104 -9.32 15.41 31.66
N LYS B 105 -9.65 14.39 32.45
CA LYS B 105 -8.74 13.91 33.50
C LYS B 105 -7.43 13.44 32.86
N VAL B 106 -7.51 12.70 31.76
CA VAL B 106 -6.32 12.24 31.06
C VAL B 106 -5.51 13.40 30.47
N ILE B 107 -6.20 14.33 29.82
CA ILE B 107 -5.52 15.52 29.30
C ILE B 107 -4.75 16.23 30.41
N LYS B 108 -5.38 16.35 31.58
CA LYS B 108 -4.77 17.01 32.73
C LYS B 108 -3.48 16.31 33.18
N ASP B 109 -3.57 15.01 33.44
CA ASP B 109 -2.40 14.26 33.92
C ASP B 109 -1.29 14.23 32.90
N LEU B 110 -1.67 14.17 31.63
CA LEU B 110 -0.71 14.15 30.53
C LEU B 110 0.03 15.48 30.47
N GLU B 111 -0.72 16.58 30.56
CA GLU B 111 -0.13 17.92 30.46
C GLU B 111 0.69 18.29 31.69
N GLU B 112 0.52 17.55 32.77
CA GLU B 112 1.31 17.78 33.97
C GLU B 112 2.73 17.26 33.76
N LYS B 113 2.89 16.27 32.88
CA LYS B 113 4.21 15.75 32.52
C LYS B 113 4.94 16.67 31.53
N GLY B 114 4.36 17.83 31.25
CA GLY B 114 5.04 18.85 30.47
C GLY B 114 4.83 18.93 28.95
N VAL B 115 3.74 18.37 28.42
CA VAL B 115 3.46 18.55 26.99
C VAL B 115 2.12 19.25 26.74
N LYS B 116 2.00 19.91 25.59
CA LYS B 116 0.75 20.56 25.21
C LYS B 116 -0.07 19.65 24.30
N ALA B 117 -1.19 19.17 24.82
CA ALA B 117 -1.97 18.17 24.12
C ALA B 117 -3.07 18.81 23.27
N THR B 118 -3.28 18.23 22.10
CA THR B 118 -4.39 18.61 21.23
C THR B 118 -5.35 17.45 21.17
N THR B 119 -6.59 17.67 21.57
CA THR B 119 -7.55 16.59 21.64
C THR B 119 -8.62 16.70 20.55
N LEU B 120 -8.87 15.59 19.87
CA LEU B 120 -9.96 15.48 18.90
C LEU B 120 -10.97 14.47 19.43
N GLN B 121 -12.23 14.60 19.04
CA GLN B 121 -13.28 13.74 19.61
C GLN B 121 -14.48 13.53 18.67
N GLU B 122 -15.09 12.35 18.73
CA GLU B 122 -16.38 12.11 18.11
C GLU B 122 -17.49 12.64 19.02
N SER B 123 -18.09 13.75 18.63
CA SER B 123 -19.08 14.40 19.48
C SER B 123 -19.97 15.36 18.69
N SER B 124 -21.20 15.53 19.14
CA SER B 124 -22.11 16.48 18.52
C SER B 124 -21.85 17.88 19.06
N ASN B 125 -21.06 17.95 20.14
CA ASN B 125 -20.62 19.22 20.69
C ASN B 125 -19.34 19.68 20.00
N GLN B 126 -18.95 20.93 20.26
CA GLN B 126 -17.78 21.50 19.62
C GLN B 126 -16.66 21.85 20.60
N THR B 127 -16.64 21.17 21.75
CA THR B 127 -15.56 21.34 22.73
C THR B 127 -14.21 20.98 22.12
N TYR B 128 -14.18 19.88 21.39
CA TYR B 128 -12.98 19.46 20.66
C TYR B 128 -13.29 19.39 19.17
N ALA B 129 -12.25 19.58 18.36
CA ALA B 129 -12.38 19.43 16.92
C ALA B 129 -12.73 17.98 16.62
N PRO B 130 -13.30 17.71 15.44
CA PRO B 130 -13.77 16.36 15.11
C PRO B 130 -12.66 15.33 14.97
N TRP B 131 -12.90 14.18 15.59
CA TRP B 131 -12.04 13.00 15.43
C TRP B 131 -12.07 12.51 13.99
N PHE B 132 -10.99 11.87 13.57
CA PHE B 132 -10.95 11.19 12.28
C PHE B 132 -10.09 9.92 12.39
N PRO B 133 -10.38 8.92 11.57
CA PRO B 133 -9.51 7.76 11.39
C PRO B 133 -8.15 8.19 10.82
N ARG B 134 -7.08 7.60 11.32
CA ARG B 134 -5.72 8.05 10.98
C ARG B 134 -5.04 7.09 10.00
N LYS B 135 -5.40 5.82 10.08
CA LYS B 135 -4.88 4.81 9.16
C LYS B 135 -6.02 4.01 8.56
N ILE B 136 -5.71 3.28 7.51
CA ILE B 136 -6.73 2.54 6.78
C ILE B 136 -7.42 1.50 7.67
N SER B 137 -6.69 0.91 8.62
CA SER B 137 -7.31 -0.09 9.50
C SER B 137 -8.32 0.52 10.45
N ASP B 138 -8.25 1.82 10.71
CA ASP B 138 -9.19 2.46 11.63
C ASP B 138 -10.60 2.52 11.08
N LEU B 139 -10.75 2.28 9.78
CA LEU B 139 -12.08 2.22 9.19
C LEU B 139 -12.87 1.03 9.76
N ASP B 140 -12.16 0.07 10.37
CA ASP B 140 -12.83 -0.99 11.14
C ASP B 140 -13.77 -0.43 12.21
N LEU B 141 -13.48 0.76 12.72
CA LEU B 141 -14.29 1.34 13.79
C LEU B 141 -15.68 1.77 13.34
N PHE B 142 -15.85 1.97 12.04
CA PHE B 142 -17.16 2.32 11.49
C PHE B 142 -18.11 1.12 11.49
N ALA B 143 -17.54 -0.08 11.54
CA ALA B 143 -18.23 -1.32 11.15
C ALA B 143 -19.59 -1.59 11.83
N ASN B 144 -19.65 -1.47 13.16
CA ASN B 144 -20.90 -1.74 13.87
C ASN B 144 -21.97 -0.70 13.53
N LYS B 145 -21.52 0.53 13.32
CA LYS B 145 -22.40 1.66 13.04
C LYS B 145 -23.08 1.52 11.67
N PRO B 158 -39.96 -0.14 -2.47
CA PRO B 158 -41.01 -0.77 -3.26
C PRO B 158 -41.00 -2.28 -3.12
N GLY B 159 -41.57 -2.79 -2.03
CA GLY B 159 -41.59 -4.22 -1.78
C GLY B 159 -40.53 -4.63 -0.77
N ALA B 160 -40.13 -3.69 0.07
CA ALA B 160 -39.21 -3.99 1.16
C ALA B 160 -39.97 -4.70 2.28
N SER B 161 -41.30 -4.56 2.26
CA SER B 161 -42.16 -5.23 3.22
C SER B 161 -42.43 -6.68 2.80
N ASP B 162 -41.40 -7.31 2.26
CA ASP B 162 -41.42 -8.74 1.96
C ASP B 162 -40.47 -9.45 2.92
N PRO B 163 -41.02 -10.28 3.82
CA PRO B 163 -40.27 -10.96 4.88
C PRO B 163 -39.10 -11.79 4.38
N VAL B 164 -39.22 -12.41 3.22
CA VAL B 164 -38.14 -13.22 2.66
C VAL B 164 -36.99 -12.32 2.26
N TYR B 165 -37.33 -11.23 1.57
CA TYR B 165 -36.34 -10.28 1.10
C TYR B 165 -35.67 -9.54 2.26
N ARG B 166 -36.43 -9.27 3.31
CA ARG B 166 -35.87 -8.60 4.48
C ARG B 166 -34.97 -9.58 5.25
N GLU B 167 -35.34 -10.86 5.26
CA GLU B 167 -34.48 -11.88 5.86
C GLU B 167 -33.20 -12.04 5.03
N ARG B 168 -33.33 -11.95 3.70
CA ARG B 168 -32.16 -12.05 2.83
C ARG B 168 -31.18 -10.88 3.08
N ARG B 169 -31.71 -9.66 3.21
CA ARG B 169 -30.87 -8.50 3.46
C ARG B 169 -30.07 -8.64 4.75
N ARG B 170 -30.71 -9.16 5.79
CA ARG B 170 -30.03 -9.40 7.06
C ARG B 170 -28.91 -10.42 6.90
N GLU B 171 -29.16 -11.44 6.09
CA GLU B 171 -28.17 -12.50 5.87
C GLU B 171 -26.93 -11.96 5.18
N ILE B 172 -27.13 -11.13 4.16
CA ILE B 172 -26.00 -10.55 3.44
C ILE B 172 -25.20 -9.63 4.38
N ALA B 173 -25.92 -8.86 5.19
CA ALA B 173 -25.26 -8.02 6.19
C ALA B 173 -24.45 -8.86 7.17
N LYS B 174 -24.99 -10.01 7.59
CA LYS B 174 -24.27 -10.89 8.50
C LYS B 174 -22.97 -11.41 7.87
N ILE B 175 -23.04 -11.86 6.63
CA ILE B 175 -21.85 -12.34 5.93
C ILE B 175 -20.83 -11.22 5.84
N ALA B 176 -21.31 -10.01 5.57
CA ALA B 176 -20.42 -8.86 5.45
C ALA B 176 -19.86 -8.48 6.81
N SER B 177 -20.66 -8.66 7.86
CA SER B 177 -20.32 -8.18 9.20
C SER B 177 -18.99 -8.72 9.75
N THR B 178 -18.50 -9.82 9.19
CA THR B 178 -17.28 -10.45 9.69
C THR B 178 -16.02 -9.77 9.17
N TYR B 179 -16.17 -8.88 8.19
CA TYR B 179 -15.00 -8.29 7.54
C TYR B 179 -14.26 -7.32 8.43
N LYS B 180 -12.93 -7.42 8.43
CA LYS B 180 -12.05 -6.46 9.07
C LYS B 180 -10.91 -6.22 8.11
N HIS B 181 -10.21 -5.09 8.23
CA HIS B 181 -9.12 -4.79 7.32
C HIS B 181 -8.05 -5.88 7.31
N GLY B 182 -7.59 -6.25 6.12
CA GLY B 182 -6.66 -7.34 6.02
C GLY B 182 -7.31 -8.63 5.55
N ASP B 183 -8.62 -8.79 5.81
CA ASP B 183 -9.32 -9.98 5.33
C ASP B 183 -9.58 -9.89 3.85
N GLU B 184 -9.89 -11.04 3.25
CA GLU B 184 -10.55 -11.03 1.95
C GLU B 184 -12.00 -10.60 2.18
N ILE B 185 -12.57 -9.86 1.24
CA ILE B 185 -13.98 -9.50 1.32
C ILE B 185 -14.78 -10.78 1.06
N PRO B 186 -15.64 -11.14 2.02
CA PRO B 186 -16.40 -12.39 1.90
C PRO B 186 -17.23 -12.40 0.63
N ARG B 187 -17.27 -13.53 -0.07
CA ARG B 187 -18.10 -13.59 -1.26
C ARG B 187 -19.55 -13.83 -0.86
N ILE B 188 -20.45 -13.43 -1.75
CA ILE B 188 -21.86 -13.72 -1.59
C ILE B 188 -22.26 -14.77 -2.61
N ASP B 189 -22.85 -15.86 -2.13
CA ASP B 189 -23.49 -16.81 -3.01
C ASP B 189 -24.86 -16.23 -3.34
N TYR B 190 -24.97 -15.56 -4.47
CA TYR B 190 -26.26 -14.99 -4.87
C TYR B 190 -27.24 -16.08 -5.30
N THR B 191 -28.51 -15.85 -5.01
CA THR B 191 -29.57 -16.77 -5.42
C THR B 191 -29.87 -16.63 -6.91
N GLU B 192 -30.59 -17.61 -7.43
CA GLU B 192 -31.06 -17.62 -8.81
C GLU B 192 -31.85 -16.36 -9.16
N GLU B 193 -32.73 -15.94 -8.26
CA GLU B 193 -33.52 -14.75 -8.51
C GLU B 193 -32.66 -13.48 -8.54
N GLU B 194 -31.76 -13.35 -7.57
CA GLU B 194 -30.86 -12.20 -7.49
C GLU B 194 -30.03 -12.04 -8.76
N ILE B 195 -29.49 -13.15 -9.26
CA ILE B 195 -28.70 -13.14 -10.49
C ILE B 195 -29.55 -12.77 -11.71
N LYS B 196 -30.79 -13.26 -11.76
CA LYS B 196 -31.74 -12.88 -12.80
C LYS B 196 -31.96 -11.37 -12.83
N THR B 197 -32.17 -10.80 -11.66
CA THR B 197 -32.38 -9.35 -11.54
C THR B 197 -31.17 -8.55 -12.03
N TRP B 198 -29.98 -9.00 -11.64
CA TRP B 198 -28.74 -8.39 -12.11
C TRP B 198 -28.66 -8.39 -13.64
N GLY B 199 -29.07 -9.50 -14.23
CA GLY B 199 -29.03 -9.66 -15.68
C GLY B 199 -29.91 -8.67 -16.40
N VAL B 200 -31.12 -8.47 -15.88
CA VAL B 200 -32.06 -7.52 -16.48
C VAL B 200 -31.49 -6.10 -16.42
N VAL B 201 -31.06 -5.67 -15.23
CA VAL B 201 -30.46 -4.35 -15.06
C VAL B 201 -29.21 -4.16 -15.95
N TYR B 202 -28.32 -5.15 -15.93
CA TYR B 202 -27.09 -5.15 -16.72
C TYR B 202 -27.36 -4.95 -18.22
N ASN B 203 -28.17 -5.83 -18.80
CA ASN B 203 -28.46 -5.75 -20.23
C ASN B 203 -29.10 -4.41 -20.63
N ARG B 204 -30.03 -3.91 -19.81
CA ARG B 204 -30.70 -2.63 -20.07
CA ARG B 204 -30.69 -2.64 -20.14
C ARG B 204 -29.72 -1.46 -20.05
N LEU B 205 -28.93 -1.40 -18.99
CA LEU B 205 -27.99 -0.28 -18.82
C LEU B 205 -26.90 -0.31 -19.87
N LYS B 206 -26.42 -1.51 -20.19
CA LYS B 206 -25.39 -1.69 -21.20
C LYS B 206 -25.84 -1.14 -22.56
N GLU B 207 -27.16 -1.12 -22.78
CA GLU B 207 -27.71 -0.61 -24.03
C GLU B 207 -27.54 0.90 -24.13
N LEU B 208 -27.52 1.57 -22.98
CA LEU B 208 -27.53 3.02 -22.93
C LEU B 208 -26.16 3.65 -22.76
N PHE B 209 -25.24 2.95 -22.10
CA PHE B 209 -23.89 3.47 -21.82
C PHE B 209 -23.19 4.12 -23.01
N PRO B 210 -23.14 3.43 -24.17
CA PRO B 210 -22.29 4.00 -25.24
C PRO B 210 -22.73 5.39 -25.71
N THR B 211 -24.01 5.70 -25.57
CA THR B 211 -24.52 6.98 -26.04
C THR B 211 -24.70 8.00 -24.91
N ASN B 212 -24.66 7.55 -23.66
CA ASN B 212 -25.01 8.42 -22.53
C ASN B 212 -23.90 8.59 -21.49
N ALA B 213 -22.96 7.64 -21.44
CA ALA B 213 -21.90 7.67 -20.43
C ALA B 213 -20.68 8.43 -20.91
N CYS B 214 -19.95 9.02 -19.97
CA CYS B 214 -18.69 9.69 -20.31
CA CYS B 214 -18.67 9.67 -20.26
C CYS B 214 -17.69 8.65 -20.82
N HIS B 215 -16.71 9.13 -21.57
CA HIS B 215 -15.80 8.24 -22.28
C HIS B 215 -14.95 7.38 -21.34
N GLN B 216 -14.70 7.84 -20.11
CA GLN B 216 -13.90 7.06 -19.16
C GLN B 216 -14.63 5.77 -18.80
N HIS B 217 -15.95 5.84 -18.70
CA HIS B 217 -16.78 4.70 -18.38
C HIS B 217 -16.72 3.67 -19.51
N ALA B 218 -16.86 4.13 -20.76
CA ALA B 218 -16.80 3.24 -21.91
C ALA B 218 -15.41 2.63 -22.04
N TYR B 219 -14.40 3.39 -21.65
CA TYR B 219 -13.02 2.94 -21.74
C TYR B 219 -12.72 1.77 -20.78
N ILE B 220 -13.26 1.85 -19.56
CA ILE B 220 -12.88 0.91 -18.51
C ILE B 220 -13.74 -0.34 -18.55
N PHE B 221 -14.99 -0.19 -18.98
CA PHE B 221 -15.95 -1.29 -18.91
C PHE B 221 -15.46 -2.61 -19.55
N PRO B 222 -14.85 -2.58 -20.75
CA PRO B 222 -14.36 -3.86 -21.28
C PRO B 222 -13.27 -4.51 -20.42
N LEU B 223 -12.54 -3.70 -19.66
CA LEU B 223 -11.54 -4.22 -18.74
C LEU B 223 -12.22 -4.92 -17.58
N LEU B 224 -13.38 -4.42 -17.19
CA LEU B 224 -14.15 -5.02 -16.10
C LEU B 224 -14.69 -6.37 -16.56
N GLU B 225 -15.10 -6.42 -17.82
CA GLU B 225 -15.55 -7.65 -18.47
C GLU B 225 -14.42 -8.67 -18.53
N GLN B 226 -13.21 -8.22 -18.87
CA GLN B 226 -12.11 -9.13 -19.13
C GLN B 226 -11.42 -9.57 -17.84
N ASN B 227 -11.47 -8.76 -16.78
CA ASN B 227 -10.66 -9.05 -15.59
C ASN B 227 -11.47 -9.24 -14.31
N CYS B 228 -12.74 -8.85 -14.30
CA CYS B 228 -13.50 -8.87 -13.05
C CYS B 228 -14.75 -9.68 -13.16
N GLY B 229 -14.89 -10.39 -14.29
CA GLY B 229 -16.06 -11.21 -14.53
C GLY B 229 -17.37 -10.49 -14.82
N TYR B 230 -17.32 -9.22 -15.24
CA TYR B 230 -18.56 -8.51 -15.57
C TYR B 230 -19.29 -9.19 -16.73
N SER B 231 -20.55 -9.54 -16.48
CA SER B 231 -21.39 -10.16 -17.48
C SER B 231 -22.81 -10.18 -16.93
N PRO B 232 -23.80 -10.41 -17.81
CA PRO B 232 -25.15 -10.45 -17.28
C PRO B 232 -25.48 -11.76 -16.60
N ASP B 233 -24.63 -12.78 -16.78
CA ASP B 233 -24.89 -14.10 -16.24
C ASP B 233 -24.35 -14.30 -14.84
N ASN B 234 -23.61 -13.31 -14.36
CA ASN B 234 -22.84 -13.48 -13.14
C ASN B 234 -22.68 -12.15 -12.41
N ILE B 235 -22.83 -12.16 -11.09
CA ILE B 235 -22.59 -10.97 -10.29
C ILE B 235 -21.15 -10.96 -9.78
N PRO B 236 -20.39 -9.92 -10.11
CA PRO B 236 -18.99 -9.82 -9.71
C PRO B 236 -18.87 -9.72 -8.20
N GLN B 237 -17.79 -10.28 -7.65
CA GLN B 237 -17.55 -10.22 -6.22
C GLN B 237 -16.65 -9.04 -5.88
N LEU B 238 -16.94 -8.39 -4.75
CA LEU B 238 -16.19 -7.20 -4.38
C LEU B 238 -14.70 -7.44 -4.29
N GLN B 239 -14.28 -8.63 -3.85
CA GLN B 239 -12.84 -8.90 -3.69
C GLN B 239 -12.07 -8.80 -5.02
N ASP B 240 -12.66 -9.34 -6.08
CA ASP B 240 -12.07 -9.25 -7.42
C ASP B 240 -12.03 -7.81 -7.91
N ILE B 241 -13.11 -7.09 -7.68
CA ILE B 241 -13.17 -5.67 -8.07
C ILE B 241 -12.12 -4.84 -7.33
N SER B 242 -12.01 -5.05 -6.03
CA SER B 242 -11.02 -4.35 -5.22
C SER B 242 -9.59 -4.57 -5.72
N ASN B 243 -9.26 -5.82 -6.05
CA ASN B 243 -7.92 -6.15 -6.53
C ASN B 243 -7.62 -5.41 -7.81
N PHE B 244 -8.57 -5.43 -8.73
CA PHE B 244 -8.42 -4.71 -9.98
C PHE B 244 -8.28 -3.20 -9.77
N LEU B 245 -9.14 -2.61 -8.96
CA LEU B 245 -9.03 -1.18 -8.68
C LEU B 245 -7.68 -0.82 -8.07
N GLN B 246 -7.24 -1.61 -7.10
CA GLN B 246 -5.94 -1.36 -6.44
C GLN B 246 -4.82 -1.29 -7.46
N GLU B 247 -4.90 -2.18 -8.47
CA GLU B 247 -3.83 -2.28 -9.46
C GLU B 247 -3.94 -1.21 -10.54
N CYS B 248 -5.05 -0.47 -10.55
CA CYS B 248 -5.18 0.65 -11.51
C CYS B 248 -4.93 2.00 -10.88
N THR B 249 -5.54 2.26 -9.73
CA THR B 249 -5.45 3.59 -9.14
C THR B 249 -5.22 3.55 -7.64
N GLY B 250 -5.03 2.37 -7.08
CA GLY B 250 -4.77 2.25 -5.65
C GLY B 250 -6.05 2.26 -4.81
N TRP B 251 -7.20 2.33 -5.48
CA TRP B 251 -8.46 2.31 -4.76
C TRP B 251 -8.83 0.90 -4.30
N ARG B 252 -9.55 0.84 -3.19
CA ARG B 252 -9.96 -0.43 -2.59
C ARG B 252 -11.42 -0.38 -2.21
N ILE B 253 -12.03 -1.55 -2.09
CA ILE B 253 -13.41 -1.68 -1.67
C ILE B 253 -13.49 -2.25 -0.26
N ARG B 254 -14.39 -1.69 0.54
CA ARG B 254 -14.86 -2.38 1.75
C ARG B 254 -16.35 -2.69 1.58
N PRO B 255 -16.79 -3.84 2.10
CA PRO B 255 -18.24 -4.07 2.07
C PRO B 255 -18.98 -3.17 3.08
N VAL B 256 -20.13 -2.65 2.68
CA VAL B 256 -20.96 -1.89 3.61
C VAL B 256 -21.50 -2.85 4.65
N GLN B 257 -21.29 -2.53 5.92
CA GLN B 257 -21.71 -3.39 7.00
C GLN B 257 -22.98 -2.82 7.63
N GLY B 258 -22.82 -1.80 8.48
CA GLY B 258 -23.95 -0.96 8.85
C GLY B 258 -24.02 0.15 7.82
N LEU B 259 -25.04 1.00 7.85
CA LEU B 259 -25.03 2.13 6.93
C LEU B 259 -24.21 3.25 7.56
N LEU B 260 -23.46 3.95 6.72
CA LEU B 260 -22.47 4.90 7.19
C LEU B 260 -23.00 6.32 7.23
N SER B 261 -22.61 7.05 8.27
CA SER B 261 -22.79 8.49 8.30
C SER B 261 -22.04 9.11 7.14
N ALA B 262 -22.37 10.34 6.78
CA ALA B 262 -21.68 11.02 5.71
C ALA B 262 -20.20 11.21 6.08
N ARG B 263 -19.92 11.57 7.33
CA ARG B 263 -18.53 11.75 7.77
C ARG B 263 -17.71 10.47 7.59
N ASP B 264 -18.25 9.35 8.08
CA ASP B 264 -17.54 8.07 7.97
C ASP B 264 -17.30 7.67 6.51
N PHE B 265 -18.34 7.74 5.69
CA PHE B 265 -18.18 7.38 4.28
C PHE B 265 -17.16 8.27 3.59
N LEU B 266 -17.31 9.58 3.73
CA LEU B 266 -16.37 10.53 3.13
C LEU B 266 -14.96 10.35 3.68
N ASN B 267 -14.84 10.11 4.99
CA ASN B 267 -13.51 9.86 5.55
C ASN B 267 -12.85 8.64 4.91
N GLY B 268 -13.62 7.58 4.64
CA GLY B 268 -13.13 6.44 3.90
C GLY B 268 -12.46 6.80 2.58
N LEU B 269 -13.01 7.81 1.89
CA LEU B 269 -12.50 8.19 0.57
C LEU B 269 -11.09 8.73 0.65
N ALA B 270 -10.75 9.32 1.79
CA ALA B 270 -9.43 9.92 1.98
C ALA B 270 -8.32 8.87 1.88
N PHE B 271 -8.64 7.63 2.22
CA PHE B 271 -7.73 6.49 2.08
C PHE B 271 -7.90 5.75 0.77
N ARG B 272 -8.65 6.34 -0.16
CA ARG B 272 -8.97 5.70 -1.43
C ARG B 272 -9.66 4.37 -1.16
N VAL B 273 -10.57 4.39 -0.20
CA VAL B 273 -11.42 3.26 0.14
C VAL B 273 -12.89 3.57 -0.14
N PHE B 274 -13.51 2.76 -0.98
CA PHE B 274 -14.93 2.95 -1.27
C PHE B 274 -15.77 1.86 -0.59
N HIS B 275 -16.73 2.28 0.23
CA HIS B 275 -17.63 1.32 0.85
C HIS B 275 -18.76 0.97 -0.11
N ALA B 276 -18.95 -0.32 -0.38
CA ALA B 276 -19.96 -0.73 -1.36
C ALA B 276 -20.87 -1.82 -0.81
N THR B 277 -22.17 -1.67 -1.06
CA THR B 277 -23.12 -2.69 -0.65
C THR B 277 -23.14 -3.88 -1.60
N GLN B 278 -23.59 -5.04 -1.09
CA GLN B 278 -23.61 -6.26 -1.87
C GLN B 278 -25.01 -6.80 -2.14
N TYR B 279 -26.02 -6.20 -1.53
CA TYR B 279 -27.39 -6.69 -1.69
C TYR B 279 -27.89 -6.35 -3.09
N ILE B 280 -28.89 -7.09 -3.58
CA ILE B 280 -29.49 -6.80 -4.88
C ILE B 280 -30.93 -6.31 -4.70
N ARG B 281 -31.36 -5.36 -5.53
CA ARG B 281 -32.72 -4.81 -5.46
C ARG B 281 -33.78 -5.90 -5.52
N HIS B 282 -34.91 -5.65 -4.86
CA HIS B 282 -36.07 -6.52 -4.95
C HIS B 282 -36.50 -6.65 -6.42
N PRO B 283 -37.04 -7.82 -6.81
CA PRO B 283 -37.56 -7.98 -8.17
C PRO B 283 -38.69 -7.00 -8.52
N SER B 284 -39.54 -6.64 -7.55
CA SER B 284 -40.63 -5.68 -7.80
C SER B 284 -40.10 -4.32 -8.19
N VAL B 285 -38.83 -4.07 -7.88
CA VAL B 285 -38.13 -2.93 -8.41
C VAL B 285 -37.76 -3.21 -9.87
N PRO B 286 -38.40 -2.49 -10.81
CA PRO B 286 -37.97 -2.63 -12.20
C PRO B 286 -36.57 -2.03 -12.34
N LEU B 287 -36.54 -0.76 -12.72
CA LEU B 287 -35.45 0.10 -12.32
C LEU B 287 -36.09 1.15 -11.43
N TYR B 288 -35.88 1.02 -10.12
CA TYR B 288 -36.50 1.89 -9.12
C TYR B 288 -36.20 3.34 -9.42
N THR B 289 -35.13 3.56 -10.16
CA THR B 289 -34.80 4.87 -10.70
C THR B 289 -34.60 5.80 -9.50
N PRO B 290 -33.98 5.24 -8.45
CA PRO B 290 -33.54 5.49 -7.08
C PRO B 290 -33.36 4.15 -6.37
N GLU B 291 -32.21 3.51 -6.58
CA GLU B 291 -31.95 2.20 -6.00
C GLU B 291 -30.45 1.96 -5.82
N PRO B 292 -29.94 2.25 -4.61
CA PRO B 292 -28.50 2.17 -4.36
C PRO B 292 -28.01 0.74 -4.03
N ASP B 293 -28.37 -0.24 -4.86
CA ASP B 293 -27.95 -1.61 -4.58
C ASP B 293 -26.60 -1.91 -5.23
N CYS B 294 -26.23 -3.18 -5.28
CA CYS B 294 -24.96 -3.62 -5.85
CA CYS B 294 -24.92 -3.50 -5.82
C CYS B 294 -24.86 -3.29 -7.34
N CYS B 295 -26.01 -3.30 -8.02
CA CYS B 295 -26.01 -2.95 -9.44
C CYS B 295 -25.50 -1.54 -9.58
N HIS B 296 -25.97 -0.68 -8.68
CA HIS B 296 -25.58 0.72 -8.68
C HIS B 296 -24.08 0.86 -8.37
N GLU B 297 -23.59 0.14 -7.36
CA GLU B 297 -22.18 0.24 -7.00
C GLU B 297 -21.25 -0.21 -8.13
N LEU B 298 -21.59 -1.34 -8.75
CA LEU B 298 -20.65 -1.99 -9.66
C LEU B 298 -20.70 -1.45 -11.07
N LEU B 299 -21.86 -0.97 -11.47
CA LEU B 299 -22.02 -0.51 -12.84
C LEU B 299 -21.95 1.01 -12.84
N GLY B 300 -22.24 1.60 -11.69
CA GLY B 300 -22.24 3.05 -11.56
C GLY B 300 -20.94 3.60 -11.00
N HIS B 301 -20.60 3.23 -9.77
CA HIS B 301 -19.44 3.83 -9.11
C HIS B 301 -18.11 3.28 -9.57
N VAL B 302 -18.01 1.95 -9.64
CA VAL B 302 -16.70 1.30 -9.79
C VAL B 302 -15.94 1.68 -11.06
N PRO B 303 -16.62 1.75 -12.22
CA PRO B 303 -15.77 1.99 -13.40
C PRO B 303 -14.98 3.30 -13.37
N LEU B 304 -15.56 4.35 -12.80
CA LEU B 304 -14.88 5.63 -12.76
C LEU B 304 -13.69 5.59 -11.81
N LEU B 305 -13.77 4.75 -10.79
CA LEU B 305 -12.69 4.67 -9.82
C LEU B 305 -11.41 4.09 -10.43
N ALA B 306 -11.53 3.50 -11.61
CA ALA B 306 -10.35 2.98 -12.31
C ALA B 306 -9.70 4.04 -13.19
N ASP B 307 -10.29 5.23 -13.23
CA ASP B 307 -9.69 6.37 -13.96
C ASP B 307 -8.81 7.17 -13.02
N PRO B 308 -7.52 7.33 -13.37
CA PRO B 308 -6.64 8.00 -12.40
C PRO B 308 -7.09 9.41 -11.98
N ASP B 309 -7.65 10.21 -12.88
CA ASP B 309 -7.97 11.57 -12.49
C ASP B 309 -9.21 11.61 -11.60
N PHE B 310 -10.23 10.83 -11.98
CA PHE B 310 -11.40 10.68 -11.15
C PHE B 310 -11.05 10.14 -9.77
N ALA B 311 -10.16 9.15 -9.74
CA ALA B 311 -9.73 8.55 -8.47
C ALA B 311 -9.08 9.60 -7.54
N ASP B 312 -8.33 10.54 -8.12
CA ASP B 312 -7.71 11.62 -7.35
C ASP B 312 -8.77 12.61 -6.87
N PHE B 313 -9.71 12.94 -7.75
CA PHE B 313 -10.80 13.84 -7.44
C PHE B 313 -11.63 13.28 -6.26
N SER B 314 -11.96 12.00 -6.32
CA SER B 314 -12.74 11.38 -5.25
C SER B 314 -12.00 11.40 -3.92
N GLN B 315 -10.70 11.13 -3.96
CA GLN B 315 -9.92 11.14 -2.73
C GLN B 315 -9.83 12.57 -2.18
N GLU B 316 -9.78 13.55 -3.07
CA GLU B 316 -9.68 14.95 -2.65
C GLU B 316 -10.89 15.30 -1.79
N ILE B 317 -12.07 14.88 -2.22
CA ILE B 317 -13.28 15.08 -1.41
C ILE B 317 -13.12 14.41 -0.04
N GLY B 318 -12.57 13.20 -0.03
CA GLY B 318 -12.31 12.50 1.22
C GLY B 318 -11.34 13.23 2.15
N LEU B 319 -10.24 13.72 1.59
CA LEU B 319 -9.25 14.46 2.37
C LEU B 319 -9.89 15.68 3.00
N ALA B 320 -10.62 16.44 2.19
CA ALA B 320 -11.33 17.61 2.70
C ALA B 320 -12.17 17.26 3.93
N SER B 321 -12.74 16.05 3.95
CA SER B 321 -13.65 15.66 5.03
C SER B 321 -12.93 15.29 6.32
N ILE B 322 -11.66 14.94 6.22
CA ILE B 322 -10.90 14.45 7.38
C ILE B 322 -10.81 15.54 8.44
N GLY B 323 -11.54 15.35 9.54
CA GLY B 323 -11.54 16.29 10.64
C GLY B 323 -12.33 17.56 10.39
N ALA B 324 -13.09 17.60 9.30
CA ALA B 324 -13.89 18.78 9.00
C ALA B 324 -15.05 18.90 9.99
N SER B 325 -15.50 20.13 10.20
CA SER B 325 -16.68 20.40 11.04
C SER B 325 -17.93 19.75 10.43
N ASP B 326 -18.97 19.57 11.24
CA ASP B 326 -20.22 18.97 10.77
C ASP B 326 -20.81 19.78 9.60
N GLU B 327 -20.80 21.10 9.71
CA GLU B 327 -21.41 21.89 8.64
C GLU B 327 -20.57 21.82 7.36
N ASP B 328 -19.26 21.62 7.50
CA ASP B 328 -18.43 21.46 6.29
C ASP B 328 -18.61 20.07 5.67
N ILE B 329 -18.84 19.07 6.51
CA ILE B 329 -19.20 17.74 6.01
C ILE B 329 -20.48 17.79 5.14
N GLN B 330 -21.49 18.54 5.57
CA GLN B 330 -22.70 18.71 4.77
C GLN B 330 -22.41 19.35 3.43
N LEU B 331 -21.57 20.39 3.41
CA LEU B 331 -21.18 21.00 2.14
C LEU B 331 -20.57 19.95 1.22
N LEU B 332 -19.69 19.11 1.75
CA LEU B 332 -19.00 18.13 0.92
C LEU B 332 -19.96 17.02 0.45
N SER B 333 -20.90 16.60 1.30
CA SER B 333 -21.90 15.61 0.89
C SER B 333 -22.67 16.11 -0.29
N THR B 334 -23.06 17.37 -0.24
CA THR B 334 -23.83 17.95 -1.33
C THR B 334 -22.96 18.04 -2.59
N CYS B 335 -21.73 18.53 -2.46
CA CYS B 335 -20.75 18.48 -3.58
C CYS B 335 -20.60 17.07 -4.14
N TYR B 336 -20.55 16.06 -3.26
CA TYR B 336 -20.44 14.68 -3.68
C TYR B 336 -21.65 14.26 -4.52
N TRP B 337 -22.82 14.70 -4.10
CA TRP B 337 -24.08 14.40 -4.79
C TRP B 337 -24.10 14.91 -6.23
N PHE B 338 -23.63 16.15 -6.40
CA PHE B 338 -23.67 16.80 -7.71
C PHE B 338 -22.45 16.43 -8.56
N THR B 339 -21.59 15.56 -8.04
CA THR B 339 -20.45 15.08 -8.84
C THR B 339 -20.43 13.56 -8.93
N VAL B 340 -19.91 12.91 -7.89
CA VAL B 340 -19.80 11.46 -7.89
C VAL B 340 -21.16 10.76 -8.12
N GLU B 341 -22.26 11.31 -7.60
CA GLU B 341 -23.55 10.63 -7.80
C GLU B 341 -24.32 11.10 -9.04
N PHE B 342 -24.34 12.42 -9.30
CA PHE B 342 -25.18 12.92 -10.39
C PHE B 342 -24.47 13.92 -11.30
N GLY B 343 -23.15 13.82 -11.40
CA GLY B 343 -22.40 14.75 -12.21
C GLY B 343 -22.41 14.45 -13.71
N LEU B 344 -22.26 15.51 -14.51
CA LEU B 344 -22.12 15.37 -15.96
C LEU B 344 -20.75 15.88 -16.38
N CYS B 345 -20.25 15.38 -17.51
CA CYS B 345 -18.99 15.87 -18.06
C CYS B 345 -19.22 16.53 -19.42
N LYS B 346 -18.26 17.35 -19.83
CA LYS B 346 -18.33 17.99 -21.14
C LYS B 346 -17.45 17.19 -22.10
N GLU B 347 -18.03 16.75 -23.21
CA GLU B 347 -17.26 16.07 -24.24
C GLU B 347 -17.47 16.76 -25.57
N GLY B 348 -16.55 17.65 -25.91
CA GLY B 348 -16.67 18.45 -27.12
C GLY B 348 -17.88 19.34 -27.04
N ASP B 349 -18.89 19.03 -27.84
CA ASP B 349 -20.09 19.84 -27.89
C ASP B 349 -21.27 19.06 -27.33
N THR B 350 -20.95 17.96 -26.67
CA THR B 350 -21.96 17.08 -26.09
C THR B 350 -21.88 17.12 -24.57
N ILE B 351 -22.93 16.63 -23.94
CA ILE B 351 -22.96 16.42 -22.49
C ILE B 351 -23.14 14.93 -22.22
N ARG B 352 -22.32 14.38 -21.31
CA ARG B 352 -22.40 12.97 -20.94
C ARG B 352 -22.36 12.80 -19.42
N ALA B 353 -22.77 11.62 -18.95
CA ALA B 353 -22.92 11.39 -17.52
C ALA B 353 -21.76 10.59 -16.93
N TYR B 354 -21.20 11.06 -15.81
CA TYR B 354 -20.28 10.22 -15.05
C TYR B 354 -20.86 9.88 -13.66
N GLY B 355 -21.90 10.58 -13.23
CA GLY B 355 -22.53 10.26 -11.95
C GLY B 355 -23.11 8.85 -11.88
N ALA B 356 -22.74 8.10 -10.83
CA ALA B 356 -23.21 6.72 -10.62
C ALA B 356 -24.74 6.59 -10.55
N GLY B 357 -25.40 7.61 -10.02
CA GLY B 357 -26.85 7.57 -9.91
C GLY B 357 -27.53 7.79 -11.25
N ILE B 358 -26.78 8.29 -12.22
CA ILE B 358 -27.33 8.45 -13.56
C ILE B 358 -27.08 7.17 -14.33
N LEU B 359 -25.84 6.69 -14.23
CA LEU B 359 -25.38 5.50 -14.96
C LEU B 359 -26.19 4.24 -14.64
N SER B 360 -26.80 4.18 -13.46
CA SER B 360 -27.50 2.99 -13.01
C SER B 360 -29.02 3.19 -13.06
N SER B 361 -29.46 4.27 -13.69
CA SER B 361 -30.88 4.55 -13.81
C SER B 361 -31.27 4.90 -15.24
N THR B 362 -32.10 4.07 -15.88
CA THR B 362 -32.50 4.36 -17.26
C THR B 362 -33.28 5.67 -17.33
N GLY B 363 -34.20 5.86 -16.39
CA GLY B 363 -34.96 7.11 -16.32
C GLY B 363 -34.07 8.35 -16.17
N GLU B 364 -33.05 8.25 -15.33
CA GLU B 364 -32.17 9.39 -15.12
C GLU B 364 -31.34 9.68 -16.37
N MET B 365 -30.89 8.62 -17.02
CA MET B 365 -30.11 8.75 -18.24
C MET B 365 -30.94 9.40 -19.36
N GLU B 366 -32.23 9.13 -19.38
CA GLU B 366 -33.11 9.74 -20.36
C GLU B 366 -33.34 11.20 -19.99
N HIS B 367 -33.35 11.47 -18.69
CA HIS B 367 -33.82 12.77 -18.22
C HIS B 367 -32.79 13.88 -18.37
N PHE B 368 -31.50 13.56 -18.29
CA PHE B 368 -30.54 14.64 -18.14
C PHE B 368 -30.35 15.41 -19.46
N LEU B 369 -30.55 14.73 -20.57
CA LEU B 369 -30.39 15.36 -21.88
C LEU B 369 -31.58 16.23 -22.30
N THR B 370 -32.73 16.08 -21.62
CA THR B 370 -33.90 16.91 -21.93
C THR B 370 -33.66 18.38 -21.62
N ASP B 371 -34.34 19.26 -22.34
CA ASP B 371 -34.10 20.69 -22.19
C ASP B 371 -34.68 21.24 -20.88
N LYS B 372 -35.63 20.52 -20.30
CA LYS B 372 -36.25 20.95 -19.05
C LYS B 372 -35.32 20.67 -17.88
N ALA B 373 -34.29 19.86 -18.12
CA ALA B 373 -33.26 19.64 -17.11
C ALA B 373 -32.17 20.71 -17.26
N LYS B 374 -32.04 21.53 -16.23
CA LYS B 374 -31.08 22.61 -16.21
C LYS B 374 -29.66 22.09 -16.04
N LYS B 375 -28.71 22.66 -16.80
CA LYS B 375 -27.31 22.32 -16.63
C LYS B 375 -26.47 23.54 -16.31
N LEU B 376 -25.54 23.39 -15.38
CA LEU B 376 -24.65 24.48 -15.02
C LEU B 376 -23.22 23.98 -14.98
N PRO B 377 -22.25 24.86 -15.26
CA PRO B 377 -20.84 24.49 -15.07
C PRO B 377 -20.58 24.16 -13.59
N PHE B 378 -19.80 23.13 -13.30
CA PHE B 378 -19.58 22.78 -11.92
C PHE B 378 -18.76 23.84 -11.19
N ASN B 379 -19.29 24.32 -10.07
CA ASN B 379 -18.59 25.24 -9.19
C ASN B 379 -18.99 24.87 -7.77
N PRO B 380 -18.02 24.44 -6.94
CA PRO B 380 -18.41 23.89 -5.65
C PRO B 380 -19.07 24.95 -4.76
N PHE B 381 -18.70 26.22 -4.90
CA PHE B 381 -19.35 27.29 -4.16
C PHE B 381 -20.82 27.42 -4.52
N ASP B 382 -21.19 27.11 -5.76
CA ASP B 382 -22.60 27.10 -6.16
C ASP B 382 -23.31 25.82 -5.77
N ALA B 383 -22.66 24.70 -6.05
CA ALA B 383 -23.26 23.40 -5.85
C ALA B 383 -23.46 23.08 -4.37
N CYS B 384 -22.53 23.53 -3.53
CA CYS B 384 -22.47 23.05 -2.14
C CYS B 384 -23.72 23.32 -1.31
N ASN B 385 -24.49 24.38 -1.62
CA ASN B 385 -25.73 24.58 -0.86
CA ASN B 385 -25.71 24.72 -0.89
C ASN B 385 -26.97 24.61 -1.75
N THR B 386 -26.87 23.96 -2.90
CA THR B 386 -28.02 23.75 -3.76
C THR B 386 -28.86 22.61 -3.19
N GLU B 387 -30.17 22.83 -3.01
CA GLU B 387 -31.04 21.73 -2.58
C GLU B 387 -31.22 20.70 -3.69
N TYR B 388 -31.50 19.45 -3.32
CA TYR B 388 -31.76 18.41 -4.32
C TYR B 388 -32.78 17.38 -3.86
N PRO B 389 -33.50 16.78 -4.82
CA PRO B 389 -34.44 15.69 -4.54
C PRO B 389 -33.73 14.34 -4.47
N ILE B 390 -34.21 13.43 -3.63
CA ILE B 390 -33.65 12.08 -3.60
C ILE B 390 -34.61 11.01 -4.14
N THR B 391 -35.88 11.35 -4.29
CA THR B 391 -36.84 10.37 -4.78
C THR B 391 -37.40 10.71 -6.15
N THR B 392 -36.85 11.75 -6.79
CA THR B 392 -37.21 12.05 -8.17
C THR B 392 -35.96 12.24 -9.01
N PHE B 393 -36.15 12.41 -10.32
CA PHE B 393 -35.07 12.85 -11.20
C PHE B 393 -34.50 14.20 -10.76
N GLN B 394 -33.26 14.48 -11.12
CA GLN B 394 -32.64 15.77 -10.77
C GLN B 394 -33.11 16.86 -11.73
N PRO B 395 -33.57 18.02 -11.21
CA PRO B 395 -33.97 19.08 -12.12
C PRO B 395 -32.76 19.88 -12.58
N LEU B 396 -31.65 19.69 -11.87
CA LEU B 396 -30.43 20.46 -12.09
C LEU B 396 -29.21 19.55 -12.02
N TYR B 397 -28.35 19.64 -13.02
CA TYR B 397 -27.07 18.93 -13.00
C TYR B 397 -25.93 19.90 -13.19
N TYR B 398 -24.79 19.61 -12.56
CA TYR B 398 -23.59 20.42 -12.72
C TYR B 398 -22.61 19.72 -13.66
N VAL B 399 -22.00 20.47 -14.57
CA VAL B 399 -21.14 19.87 -15.59
C VAL B 399 -19.66 20.14 -15.30
N ALA B 400 -18.87 19.07 -15.14
CA ALA B 400 -17.43 19.25 -14.91
C ALA B 400 -16.66 19.33 -16.22
N GLU B 401 -15.67 20.22 -16.28
CA GLU B 401 -14.81 20.33 -17.44
C GLU B 401 -13.91 19.10 -17.56
N SER B 402 -13.36 18.70 -16.42
CA SER B 402 -12.41 17.61 -16.34
C SER B 402 -12.24 17.24 -14.88
N PHE B 403 -11.86 15.99 -14.62
CA PHE B 403 -11.76 15.55 -13.25
C PHE B 403 -10.56 16.20 -12.57
N GLN B 404 -9.51 16.53 -13.31
CA GLN B 404 -8.42 17.22 -12.65
C GLN B 404 -8.86 18.64 -12.24
N LYS B 405 -9.70 19.27 -13.06
CA LYS B 405 -10.17 20.61 -12.67
C LYS B 405 -11.10 20.54 -11.45
N ALA B 406 -11.99 19.56 -11.44
CA ALA B 406 -12.90 19.39 -10.30
C ALA B 406 -12.10 19.14 -9.04
N LYS B 407 -11.02 18.37 -9.16
CA LYS B 407 -10.18 18.09 -7.99
C LYS B 407 -9.57 19.38 -7.43
N GLU B 408 -9.02 20.19 -8.33
CA GLU B 408 -8.37 21.46 -7.94
C GLU B 408 -9.42 22.42 -7.36
N GLN B 409 -10.61 22.43 -7.95
CA GLN B 409 -11.71 23.23 -7.41
C GLN B 409 -12.07 22.81 -5.99
N MET B 410 -12.11 21.51 -5.74
CA MET B 410 -12.50 21.01 -4.42
C MET B 410 -11.44 21.41 -3.40
N ARG B 411 -10.19 21.28 -3.78
CA ARG B 411 -9.08 21.57 -2.88
C ARG B 411 -9.08 23.04 -2.53
N GLN B 412 -9.35 23.88 -3.52
CA GLN B 412 -9.47 25.30 -3.27
C GLN B 412 -10.67 25.58 -2.36
N PHE B 413 -11.80 24.93 -2.67
CA PHE B 413 -13.02 25.04 -1.87
C PHE B 413 -12.73 24.71 -0.41
N ALA B 414 -12.03 23.61 -0.20
CA ALA B 414 -11.83 23.11 1.15
C ALA B 414 -10.69 23.81 1.90
N ASP B 415 -9.95 24.67 1.19
CA ASP B 415 -8.75 25.27 1.79
C ASP B 415 -9.06 26.08 3.06
N SER B 416 -10.20 26.76 3.10
CA SER B 416 -10.53 27.56 4.28
C SER B 416 -11.31 26.82 5.36
N PHE B 417 -11.55 25.52 5.17
CA PHE B 417 -12.18 24.72 6.23
C PHE B 417 -11.37 24.87 7.53
N LYS B 418 -12.03 25.24 8.62
CA LYS B 418 -11.34 25.31 9.91
C LYS B 418 -10.99 23.90 10.37
N LYS B 419 -9.70 23.68 10.62
CA LYS B 419 -9.19 22.43 11.18
C LYS B 419 -8.02 22.71 12.12
N PRO B 420 -7.85 21.89 13.16
CA PRO B 420 -6.73 22.04 14.10
C PRO B 420 -5.38 21.64 13.51
N PHE B 421 -5.41 20.83 12.45
CA PHE B 421 -4.20 20.31 11.80
C PHE B 421 -4.27 20.46 10.29
N SER B 422 -3.12 20.60 9.63
CA SER B 422 -3.09 20.41 8.19
C SER B 422 -3.05 18.92 7.87
N ILE B 423 -3.90 18.50 6.92
CA ILE B 423 -4.09 17.11 6.56
C ILE B 423 -3.49 16.81 5.19
N ARG B 424 -2.68 15.76 5.09
CA ARG B 424 -2.27 15.34 3.76
C ARG B 424 -2.07 13.82 3.64
N TYR B 425 -2.11 13.35 2.41
CA TYR B 425 -1.98 11.93 2.14
C TYR B 425 -0.59 11.59 1.60
N ASN B 426 0.03 10.59 2.22
CA ASN B 426 1.34 10.10 1.82
C ASN B 426 1.13 8.79 1.07
N PRO B 427 1.42 8.79 -0.24
CA PRO B 427 1.13 7.61 -1.06
C PRO B 427 2.02 6.41 -0.70
N TYR B 428 3.21 6.66 -0.16
CA TYR B 428 4.13 5.57 0.19
C TYR B 428 3.73 4.86 1.48
N THR B 429 3.29 5.63 2.48
CA THR B 429 2.84 5.04 3.74
C THR B 429 1.38 4.68 3.74
N GLN B 430 0.64 5.17 2.74
CA GLN B 430 -0.81 5.00 2.66
C GLN B 430 -1.52 5.51 3.90
N SER B 431 -1.05 6.62 4.44
CA SER B 431 -1.58 7.14 5.69
C SER B 431 -1.86 8.63 5.61
N ILE B 432 -2.63 9.12 6.58
CA ILE B 432 -2.84 10.55 6.73
C ILE B 432 -1.68 11.12 7.51
N GLU B 433 -1.01 12.13 6.96
CA GLU B 433 -0.01 12.87 7.73
C GLU B 433 -0.65 14.10 8.37
N ILE B 434 -0.40 14.25 9.68
CA ILE B 434 -0.93 15.37 10.44
C ILE B 434 0.16 16.40 10.66
N LEU B 435 -0.05 17.60 10.14
CA LEU B 435 0.93 18.68 10.32
C LEU B 435 0.40 19.71 11.30
N ASP B 436 1.11 19.87 12.43
CA ASP B 436 0.72 20.82 13.47
C ASP B 436 1.21 22.22 13.12
N ASN B 437 0.75 22.74 11.99
CA ASN B 437 1.18 24.05 11.52
C ASN B 437 0.00 25.02 11.41
N LYS B 438 -0.96 24.90 12.33
CA LYS B 438 -2.13 25.77 12.34
C LYS B 438 -2.09 26.72 13.53
#